data_1DPG
#
_entry.id   1DPG
#
_cell.length_a   105.710
_cell.length_b   105.710
_cell.length_c   224.310
_cell.angle_alpha   90.00
_cell.angle_beta   90.00
_cell.angle_gamma   120.00
#
_symmetry.space_group_name_H-M   'P 32 2 1'
#
loop_
_entity.id
_entity.type
_entity.pdbx_description
1 polymer 'GLUCOSE 6-PHOSPHATE DEHYDROGENASE'
2 non-polymer 'PHOSPHATE ION'
3 water water
#
_entity_poly.entity_id   1
_entity_poly.type   'polypeptide(L)'
_entity_poly.pdbx_seq_one_letter_code
;VSEIKTLVTFFGGTGDLAKRKLYPSVFNLYKKGYLQKHFAIVGTARQALNDDEFKQLVRDCIKDFTDDQAQAEAFIEHFS
YRAHDVTDAASYAVLKEAIEEAADKFDIDGNRIFYMSVAPRFFGTIAKYLKSEGLLADTGYNRLMIEKPFGTSYDTAAEL
QNDLENAFDDNQLFRIDHYLGKEMVQNIAALRFGNPIFDAAWNKDYIKNVQVTLSEVLGVEERAGYYDTAGALLDMIQNH
TMQIVGWLAMEKPESFTDKDIRAAKNAAFNALKIYDEAEVNKYFVRAQYGAGDSADFKPYLEELDVPADSKNNTFIAGEL
QFDLPRWEGVPFYVRSGKRLAAKQTRVDIVFKAGTFNFGSEQEAQEAVLSIIIDPKGAIELKLNAKSVEDAFNTRTIDLG
WTVSDEDKKNTPEPYERMIHDTMNGDGSNFADWNGVSIAWKFVDAISAVYTADKAPLETYKSGSMGPEASDKLLAANGDA
WVFKG
;
_entity_poly.pdbx_strand_id   A,B
#
loop_
_chem_comp.id
_chem_comp.type
_chem_comp.name
_chem_comp.formula
PO4 non-polymer 'PHOSPHATE ION' 'O4 P -3'
#
# COMPACT_ATOMS: atom_id res chain seq x y z
N VAL A 1 30.54 -7.44 -16.03
CA VAL A 1 29.85 -6.50 -16.96
C VAL A 1 30.75 -6.21 -18.16
N SER A 2 30.16 -5.81 -19.27
CA SER A 2 30.90 -5.52 -20.49
C SER A 2 31.59 -4.16 -20.41
N GLU A 3 32.77 -4.07 -21.04
CA GLU A 3 33.50 -2.82 -21.04
C GLU A 3 32.87 -1.81 -22.00
N ILE A 4 32.83 -0.57 -21.57
CA ILE A 4 32.31 0.52 -22.38
C ILE A 4 33.55 1.20 -22.96
N LYS A 5 33.60 1.38 -24.28
CA LYS A 5 34.74 2.02 -24.93
C LYS A 5 34.28 3.37 -25.42
N THR A 6 34.81 4.43 -24.81
CA THR A 6 34.40 5.80 -25.14
C THR A 6 35.56 6.75 -24.93
N LEU A 7 35.41 7.94 -25.51
CA LEU A 7 36.36 9.01 -25.31
C LEU A 7 35.43 10.16 -24.95
N VAL A 8 35.60 10.69 -23.75
CA VAL A 8 34.78 11.79 -23.28
C VAL A 8 35.57 13.07 -23.20
N THR A 9 35.04 14.13 -23.78
CA THR A 9 35.69 15.43 -23.74
C THR A 9 34.80 16.41 -22.99
N PHE A 10 35.28 16.92 -21.86
CA PHE A 10 34.52 17.87 -21.04
C PHE A 10 34.89 19.32 -21.30
N PHE A 11 33.94 20.09 -21.80
CA PHE A 11 34.16 21.50 -22.00
C PHE A 11 33.73 22.12 -20.66
N GLY A 12 34.66 22.81 -20.01
CA GLY A 12 34.37 23.42 -18.73
C GLY A 12 34.87 22.47 -17.65
N GLY A 13 35.94 21.74 -17.97
CA GLY A 13 36.52 20.77 -17.06
C GLY A 13 37.09 21.23 -15.73
N THR A 14 37.03 22.52 -15.41
CA THR A 14 37.57 22.97 -14.12
C THR A 14 36.50 23.59 -13.24
N GLY A 15 35.25 23.63 -13.72
CA GLY A 15 34.16 24.21 -12.96
C GLY A 15 33.79 23.30 -11.79
N ASP A 16 32.98 23.81 -10.86
CA ASP A 16 32.59 23.01 -9.71
C ASP A 16 31.82 21.76 -10.10
N LEU A 17 30.93 21.87 -11.07
CA LEU A 17 30.14 20.71 -11.49
C LEU A 17 31.04 19.55 -11.87
N ALA A 18 32.07 19.84 -12.66
CA ALA A 18 32.99 18.81 -13.10
C ALA A 18 33.73 18.23 -11.90
N LYS A 19 34.26 19.10 -11.05
CA LYS A 19 35.04 18.69 -9.90
C LYS A 19 34.28 17.82 -8.91
N ARG A 20 33.13 18.28 -8.46
CA ARG A 20 32.38 17.50 -7.49
C ARG A 20 31.31 16.54 -7.97
N LYS A 21 30.91 16.61 -9.23
CA LYS A 21 29.88 15.70 -9.74
C LYS A 21 30.37 14.78 -10.85
N LEU A 22 30.88 15.38 -11.92
CA LEU A 22 31.31 14.64 -13.09
C LEU A 22 32.42 13.61 -12.91
N TYR A 23 33.58 14.05 -12.44
CA TYR A 23 34.72 13.14 -12.29
C TYR A 23 34.46 12.00 -11.32
N PRO A 24 33.87 12.32 -10.17
CA PRO A 24 33.59 11.25 -9.19
C PRO A 24 32.63 10.21 -9.82
N SER A 25 31.68 10.68 -10.64
CA SER A 25 30.74 9.79 -11.33
C SER A 25 31.50 8.87 -12.27
N VAL A 26 32.33 9.48 -13.11
CA VAL A 26 33.15 8.73 -14.05
C VAL A 26 34.02 7.75 -13.28
N PHE A 27 34.53 8.19 -12.14
CA PHE A 27 35.37 7.31 -11.36
C PHE A 27 34.58 6.09 -10.86
N ASN A 28 33.31 6.31 -10.52
CA ASN A 28 32.48 5.23 -10.03
C ASN A 28 32.27 4.20 -11.12
N LEU A 29 32.08 4.67 -12.35
CA LEU A 29 31.89 3.76 -13.50
C LEU A 29 33.15 2.92 -13.69
N TYR A 30 34.27 3.50 -13.29
CA TYR A 30 35.55 2.82 -13.38
C TYR A 30 35.58 1.73 -12.30
N LYS A 31 35.24 2.11 -11.06
CA LYS A 31 35.25 1.14 -9.96
C LYS A 31 34.33 -0.04 -10.28
N LYS A 32 33.14 0.24 -10.82
CA LYS A 32 32.18 -0.79 -11.18
C LYS A 32 32.67 -1.70 -12.31
N GLY A 33 33.67 -1.25 -13.05
CA GLY A 33 34.19 -2.09 -14.12
C GLY A 33 33.70 -1.81 -15.52
N TYR A 34 32.82 -0.84 -15.71
CA TYR A 34 32.35 -0.53 -17.05
C TYR A 34 33.50 0.10 -17.83
N LEU A 35 34.27 0.94 -17.15
CA LEU A 35 35.41 1.61 -17.77
C LEU A 35 36.61 0.78 -17.41
N GLN A 36 37.35 0.31 -18.42
CA GLN A 36 38.53 -0.52 -18.13
C GLN A 36 39.83 -0.02 -18.74
N LYS A 37 40.08 -0.32 -20.01
CA LYS A 37 41.31 0.12 -20.67
C LYS A 37 41.04 1.06 -21.83
N HIS A 38 40.05 0.71 -22.64
CA HIS A 38 39.73 1.50 -23.81
C HIS A 38 38.85 2.71 -23.57
N PHE A 39 39.39 3.70 -22.87
CA PHE A 39 38.67 4.93 -22.57
C PHE A 39 39.64 6.04 -22.22
N ALA A 40 39.22 7.28 -22.41
CA ALA A 40 40.07 8.43 -22.08
C ALA A 40 39.18 9.62 -21.80
N ILE A 41 39.64 10.50 -20.92
CA ILE A 41 38.89 11.70 -20.59
C ILE A 41 39.73 12.90 -20.98
N VAL A 42 39.23 13.74 -21.87
CA VAL A 42 39.98 14.93 -22.23
C VAL A 42 39.27 16.13 -21.63
N GLY A 43 39.91 16.76 -20.65
CA GLY A 43 39.32 17.93 -20.02
C GLY A 43 39.77 19.20 -20.72
N THR A 44 38.92 20.21 -20.76
CA THR A 44 39.29 21.45 -21.41
C THR A 44 38.58 22.63 -20.74
N ALA A 45 39.28 23.77 -20.64
CA ALA A 45 38.75 25.01 -20.05
C ALA A 45 39.64 26.15 -20.56
N ARG A 46 39.35 27.39 -20.17
CA ARG A 46 40.19 28.47 -20.65
C ARG A 46 41.49 28.70 -19.91
N GLN A 47 41.61 28.26 -18.66
CA GLN A 47 42.86 28.48 -17.95
C GLN A 47 44.01 27.61 -18.42
N ALA A 48 45.21 28.18 -18.30
CA ALA A 48 46.43 27.53 -18.74
C ALA A 48 46.97 26.44 -17.80
N LEU A 49 46.22 25.35 -17.71
CA LEU A 49 46.65 24.23 -16.88
C LEU A 49 47.38 23.31 -17.84
N ASN A 50 47.85 22.18 -17.33
CA ASN A 50 48.56 21.23 -18.16
C ASN A 50 48.20 19.84 -17.64
N ASP A 51 48.66 18.81 -18.33
CA ASP A 51 48.37 17.43 -17.93
C ASP A 51 48.62 17.06 -16.47
N ASP A 52 49.82 17.38 -15.98
CA ASP A 52 50.20 17.06 -14.61
C ASP A 52 49.31 17.74 -13.60
N GLU A 53 49.02 19.00 -13.86
CA GLU A 53 48.20 19.78 -12.96
C GLU A 53 46.70 19.30 -13.00
N PHE A 54 46.27 18.82 -14.16
CA PHE A 54 44.90 18.34 -14.31
C PHE A 54 44.73 17.01 -13.61
N LYS A 55 45.69 16.11 -13.79
CA LYS A 55 45.61 14.82 -13.14
C LYS A 55 45.55 15.00 -11.62
N GLN A 56 46.32 15.98 -11.14
CA GLN A 56 46.34 16.25 -9.72
C GLN A 56 44.97 16.77 -9.26
N LEU A 57 44.38 17.66 -10.03
CA LEU A 57 43.06 18.19 -9.70
C LEU A 57 42.11 17.00 -9.56
N VAL A 58 42.03 16.19 -10.61
CA VAL A 58 41.18 14.99 -10.60
C VAL A 58 41.44 14.10 -9.38
N ARG A 59 42.72 13.83 -9.12
CA ARG A 59 43.14 13.00 -7.98
C ARG A 59 42.57 13.54 -6.67
N ASP A 60 42.60 14.85 -6.50
CA ASP A 60 42.08 15.44 -5.28
C ASP A 60 40.58 15.30 -5.24
N CYS A 61 39.93 15.51 -6.37
CA CYS A 61 38.47 15.44 -6.41
C CYS A 61 37.89 14.08 -6.16
N ILE A 62 38.65 13.01 -6.38
CA ILE A 62 38.15 11.66 -6.14
C ILE A 62 38.81 10.97 -4.96
N LYS A 63 39.66 11.67 -4.20
CA LYS A 63 40.35 11.03 -3.08
C LYS A 63 39.37 10.43 -2.06
N ASP A 64 38.24 11.09 -1.85
CA ASP A 64 37.27 10.62 -0.89
C ASP A 64 36.57 9.30 -1.27
N PHE A 65 36.66 8.90 -2.53
CA PHE A 65 35.98 7.67 -2.98
C PHE A 65 36.94 6.60 -3.40
N THR A 66 38.22 6.79 -3.10
CA THR A 66 39.21 5.80 -3.50
C THR A 66 39.41 4.64 -2.51
N ASP A 67 39.57 3.44 -3.05
CA ASP A 67 39.79 2.26 -2.22
C ASP A 67 41.26 2.13 -1.93
N ASP A 68 42.08 2.31 -2.96
CA ASP A 68 43.52 2.22 -2.85
C ASP A 68 44.21 3.12 -3.90
N GLN A 69 45.43 3.52 -3.57
CA GLN A 69 46.25 4.40 -4.41
C GLN A 69 46.37 3.94 -5.85
N ALA A 70 46.79 2.69 -6.03
CA ALA A 70 46.97 2.12 -7.36
C ALA A 70 45.75 2.28 -8.25
N GLN A 71 44.58 2.11 -7.65
CA GLN A 71 43.31 2.21 -8.37
C GLN A 71 43.12 3.63 -8.91
N ALA A 72 43.38 4.62 -8.07
CA ALA A 72 43.26 6.02 -8.46
C ALA A 72 44.30 6.35 -9.53
N GLU A 73 45.52 5.86 -9.36
CA GLU A 73 46.58 6.12 -10.30
C GLU A 73 46.26 5.57 -11.69
N ALA A 74 45.77 4.35 -11.73
CA ALA A 74 45.41 3.70 -12.99
C ALA A 74 44.33 4.53 -13.70
N PHE A 75 43.36 4.99 -12.93
CA PHE A 75 42.28 5.80 -13.44
C PHE A 75 42.80 7.12 -13.99
N ILE A 76 43.56 7.83 -13.16
CA ILE A 76 44.12 9.14 -13.49
C ILE A 76 44.95 9.16 -14.76
N GLU A 77 45.59 8.06 -15.08
CA GLU A 77 46.39 8.09 -16.28
C GLU A 77 45.59 8.08 -17.57
N HIS A 78 44.27 8.15 -17.47
CA HIS A 78 43.44 8.20 -18.68
C HIS A 78 42.97 9.61 -19.01
N PHE A 79 43.38 10.57 -18.19
CA PHE A 79 43.01 11.97 -18.39
C PHE A 79 44.10 12.81 -19.06
N SER A 80 43.70 13.83 -19.80
CA SER A 80 44.63 14.76 -20.42
C SER A 80 43.89 16.09 -20.40
N TYR A 81 44.59 17.18 -20.63
CA TYR A 81 43.99 18.52 -20.60
C TYR A 81 44.52 19.43 -21.70
N ARG A 82 43.67 20.31 -22.21
CA ARG A 82 44.11 21.26 -23.23
C ARG A 82 43.43 22.56 -22.88
N ALA A 83 44.19 23.63 -22.70
CA ALA A 83 43.54 24.92 -22.45
C ALA A 83 42.87 25.20 -23.80
N HIS A 84 41.77 25.93 -23.82
CA HIS A 84 41.10 26.12 -25.11
C HIS A 84 40.11 27.27 -25.06
N ASP A 85 40.12 28.07 -26.12
CA ASP A 85 39.22 29.22 -26.24
C ASP A 85 38.14 28.76 -27.20
N VAL A 86 36.94 28.54 -26.66
CA VAL A 86 35.82 28.05 -27.45
C VAL A 86 35.43 28.92 -28.65
N THR A 87 35.89 30.17 -28.68
CA THR A 87 35.56 31.04 -29.81
C THR A 87 36.63 31.00 -30.90
N ASP A 88 37.82 30.52 -30.56
CA ASP A 88 38.92 30.49 -31.51
C ASP A 88 38.99 29.21 -32.34
N ALA A 89 38.68 29.35 -33.62
CA ALA A 89 38.67 28.23 -34.55
C ALA A 89 39.96 27.44 -34.59
N ALA A 90 41.08 28.13 -34.43
CA ALA A 90 42.37 27.43 -34.46
C ALA A 90 42.57 26.59 -33.20
N SER A 91 42.12 27.10 -32.07
CA SER A 91 42.25 26.39 -30.81
C SER A 91 41.71 24.95 -30.92
N TYR A 92 40.67 24.74 -31.74
CA TYR A 92 40.08 23.43 -31.94
C TYR A 92 41.05 22.39 -32.50
N ALA A 93 42.01 22.85 -33.29
CA ALA A 93 43.03 21.95 -33.86
C ALA A 93 43.87 21.35 -32.73
N VAL A 94 44.13 22.15 -31.70
CA VAL A 94 44.88 21.66 -30.55
C VAL A 94 44.06 20.53 -29.89
N LEU A 95 42.76 20.78 -29.73
CA LEU A 95 41.85 19.83 -29.09
C LEU A 95 41.70 18.56 -29.92
N LYS A 96 41.58 18.73 -31.23
CA LYS A 96 41.42 17.60 -32.15
C LYS A 96 42.61 16.63 -31.99
N GLU A 97 43.79 17.20 -31.85
CA GLU A 97 44.99 16.41 -31.68
C GLU A 97 44.99 15.69 -30.33
N ALA A 98 44.62 16.39 -29.25
CA ALA A 98 44.56 15.77 -27.93
C ALA A 98 43.63 14.57 -28.00
N ILE A 99 42.45 14.76 -28.61
CA ILE A 99 41.49 13.67 -28.75
C ILE A 99 42.09 12.50 -29.54
N GLU A 100 42.69 12.80 -30.69
CA GLU A 100 43.27 11.76 -31.53
C GLU A 100 44.43 11.04 -30.86
N GLU A 101 45.21 11.80 -30.11
CA GLU A 101 46.34 11.24 -29.39
C GLU A 101 45.83 10.25 -28.35
N ALA A 102 44.81 10.67 -27.62
CA ALA A 102 44.18 9.85 -26.59
C ALA A 102 43.53 8.61 -27.20
N ALA A 103 42.86 8.78 -28.35
CA ALA A 103 42.21 7.67 -29.02
C ALA A 103 43.25 6.64 -29.41
N ASP A 104 44.41 7.09 -29.87
CA ASP A 104 45.48 6.18 -30.25
C ASP A 104 46.11 5.49 -29.06
N LYS A 105 46.36 6.25 -28.00
CA LYS A 105 46.97 5.75 -26.77
C LYS A 105 46.21 4.59 -26.13
N PHE A 106 44.89 4.69 -26.09
CA PHE A 106 44.08 3.65 -25.47
C PHE A 106 43.26 2.84 -26.45
N ASP A 107 43.60 2.99 -27.72
CA ASP A 107 42.92 2.28 -28.78
C ASP A 107 41.39 2.41 -28.73
N ILE A 108 40.91 3.63 -28.94
CA ILE A 108 39.49 3.92 -28.92
C ILE A 108 39.04 4.23 -30.35
N ASP A 109 38.00 3.52 -30.76
CA ASP A 109 37.43 3.62 -32.08
C ASP A 109 36.15 4.47 -32.10
N GLY A 110 36.29 5.76 -32.38
CA GLY A 110 35.12 6.62 -32.40
C GLY A 110 34.50 6.73 -31.01
N ASN A 111 33.18 6.58 -30.92
CA ASN A 111 32.46 6.65 -29.63
C ASN A 111 32.86 7.86 -28.78
N ARG A 112 32.60 9.03 -29.32
CA ARG A 112 32.93 10.26 -28.64
C ARG A 112 31.75 10.94 -28.01
N ILE A 113 31.99 11.47 -26.82
CA ILE A 113 30.97 12.18 -26.11
C ILE A 113 31.58 13.55 -25.81
N PHE A 114 30.81 14.59 -26.07
CA PHE A 114 31.25 15.93 -25.80
C PHE A 114 30.27 16.45 -24.75
N TYR A 115 30.81 16.85 -23.60
CA TYR A 115 29.99 17.32 -22.50
C TYR A 115 30.16 18.80 -22.35
N MET A 116 29.08 19.55 -22.57
CA MET A 116 29.17 20.99 -22.47
C MET A 116 28.72 21.50 -21.14
N SER A 117 29.69 21.94 -20.36
CA SER A 117 29.40 22.48 -19.05
C SER A 117 29.95 23.89 -19.03
N VAL A 118 29.53 24.71 -20.00
CA VAL A 118 30.00 26.09 -20.10
C VAL A 118 28.81 27.01 -20.17
N ALA A 119 29.07 28.33 -20.22
CA ALA A 119 27.99 29.31 -20.33
C ALA A 119 27.21 28.98 -21.63
N PRO A 120 25.86 29.05 -21.58
CA PRO A 120 24.99 28.76 -22.73
C PRO A 120 25.21 29.55 -24.03
N ARG A 121 25.86 30.71 -23.94
CA ARG A 121 26.15 31.52 -25.13
C ARG A 121 26.99 30.71 -26.09
N PHE A 122 27.82 29.84 -25.54
CA PHE A 122 28.75 29.04 -26.30
C PHE A 122 28.22 27.72 -26.86
N PHE A 123 27.03 27.32 -26.44
CA PHE A 123 26.46 26.06 -26.91
C PHE A 123 26.45 25.94 -28.43
N GLY A 124 25.91 26.94 -29.11
CA GLY A 124 25.84 26.89 -30.57
C GLY A 124 27.20 26.94 -31.24
N THR A 125 28.07 27.80 -30.74
CA THR A 125 29.42 27.97 -31.26
C THR A 125 30.22 26.69 -31.19
N ILE A 126 30.29 26.08 -30.01
CA ILE A 126 31.04 24.85 -29.82
C ILE A 126 30.53 23.79 -30.77
N ALA A 127 29.22 23.70 -30.88
CA ALA A 127 28.60 22.73 -31.77
C ALA A 127 29.07 22.87 -33.23
N LYS A 128 28.93 24.07 -33.78
CA LYS A 128 29.34 24.29 -35.17
C LYS A 128 30.79 23.87 -35.40
N TYR A 129 31.67 24.36 -34.54
CA TYR A 129 33.10 24.03 -34.65
C TYR A 129 33.44 22.56 -34.52
N LEU A 130 32.70 21.82 -33.68
CA LEU A 130 32.96 20.40 -33.53
C LEU A 130 32.88 19.76 -34.92
N LYS A 131 31.96 20.26 -35.74
CA LYS A 131 31.81 19.74 -37.07
C LYS A 131 32.89 20.26 -38.01
N SER A 132 33.00 21.59 -38.09
CA SER A 132 33.97 22.26 -38.94
C SER A 132 35.40 21.74 -38.82
N GLU A 133 35.94 21.88 -37.62
CA GLU A 133 37.31 21.49 -37.37
C GLU A 133 37.57 20.01 -37.34
N GLY A 134 36.55 19.24 -37.70
CA GLY A 134 36.70 17.79 -37.74
C GLY A 134 36.98 17.08 -36.42
N LEU A 135 36.25 17.45 -35.36
CA LEU A 135 36.42 16.82 -34.05
C LEU A 135 35.56 15.57 -33.94
N LEU A 136 34.49 15.50 -34.74
CA LEU A 136 33.58 14.36 -34.73
C LEU A 136 34.21 13.10 -35.30
N ALA A 137 33.94 11.96 -34.67
CA ALA A 137 34.49 10.68 -35.11
C ALA A 137 33.84 10.16 -36.39
N ASP A 138 34.64 9.45 -37.19
CA ASP A 138 34.19 8.86 -38.45
C ASP A 138 33.47 7.52 -38.29
N THR A 139 33.62 6.88 -37.14
CA THR A 139 32.96 5.61 -36.87
C THR A 139 32.45 5.64 -35.44
N GLY A 140 31.73 4.61 -35.03
CA GLY A 140 31.21 4.61 -33.67
C GLY A 140 30.22 5.76 -33.58
N TYR A 141 29.93 6.24 -32.38
CA TYR A 141 28.96 7.32 -32.28
C TYR A 141 29.61 8.64 -31.87
N ASN A 142 28.79 9.68 -31.92
CA ASN A 142 29.17 11.03 -31.52
C ASN A 142 27.94 11.52 -30.77
N ARG A 143 28.10 11.89 -29.51
CA ARG A 143 26.97 12.36 -28.73
C ARG A 143 27.32 13.64 -27.97
N LEU A 144 26.34 14.51 -27.83
CA LEU A 144 26.54 15.77 -27.14
C LEU A 144 25.62 15.83 -25.92
N MET A 145 26.22 16.06 -24.75
CA MET A 145 25.50 16.19 -23.51
C MET A 145 25.46 17.67 -23.25
N ILE A 146 24.27 18.24 -23.17
CA ILE A 146 24.11 19.65 -22.96
C ILE A 146 23.57 19.95 -21.57
N GLU A 147 24.29 20.77 -20.84
CA GLU A 147 23.94 21.16 -19.49
C GLU A 147 22.86 22.26 -19.53
N LYS A 148 22.17 22.47 -18.42
CA LYS A 148 21.14 23.49 -18.36
C LYS A 148 21.74 24.88 -18.39
N PRO A 149 20.98 25.90 -18.85
CA PRO A 149 19.59 25.81 -19.31
C PRO A 149 19.57 25.43 -20.79
N PHE A 150 18.37 25.25 -21.34
CA PHE A 150 18.28 24.95 -22.75
C PHE A 150 17.40 26.07 -23.30
N GLY A 151 18.00 27.26 -23.42
CA GLY A 151 17.28 28.42 -23.89
C GLY A 151 16.64 29.12 -22.71
N THR A 152 15.93 30.23 -22.99
CA THR A 152 15.25 31.01 -21.97
C THR A 152 13.82 31.37 -22.43
N SER A 153 13.40 30.78 -23.55
CA SER A 153 12.10 31.01 -24.12
C SER A 153 12.07 30.08 -25.32
N TYR A 154 10.92 29.93 -25.94
CA TYR A 154 10.82 29.08 -27.10
C TYR A 154 11.78 29.51 -28.23
N ASP A 155 11.89 30.82 -28.46
CA ASP A 155 12.76 31.38 -29.51
C ASP A 155 14.23 31.05 -29.33
N THR A 156 14.78 31.42 -28.18
CA THR A 156 16.18 31.15 -27.90
C THR A 156 16.44 29.65 -28.00
N ALA A 157 15.53 28.85 -27.43
CA ALA A 157 15.66 27.41 -27.46
C ALA A 157 15.65 26.85 -28.88
N ALA A 158 14.68 27.29 -29.69
CA ALA A 158 14.56 26.83 -31.07
C ALA A 158 15.83 27.17 -31.83
N GLU A 159 16.32 28.37 -31.56
CA GLU A 159 17.54 28.87 -32.17
C GLU A 159 18.72 27.97 -31.79
N LEU A 160 18.81 27.66 -30.49
CA LEU A 160 19.85 26.80 -29.97
C LEU A 160 19.77 25.47 -30.70
N GLN A 161 18.56 24.93 -30.72
CA GLN A 161 18.26 23.66 -31.37
C GLN A 161 18.75 23.65 -32.81
N ASN A 162 18.35 24.66 -33.58
CA ASN A 162 18.72 24.77 -34.98
C ASN A 162 20.23 24.70 -35.12
N ASP A 163 20.94 25.43 -34.27
CA ASP A 163 22.40 25.44 -34.26
C ASP A 163 22.90 24.02 -34.04
N LEU A 164 22.46 23.40 -32.95
CA LEU A 164 22.88 22.04 -32.62
C LEU A 164 22.68 21.07 -33.76
N GLU A 165 21.57 21.20 -34.48
CA GLU A 165 21.28 20.30 -35.59
C GLU A 165 22.21 20.39 -36.80
N ASN A 166 23.20 21.26 -36.71
CA ASN A 166 24.18 21.40 -37.78
C ASN A 166 25.18 20.27 -37.75
N ALA A 167 25.50 19.80 -36.55
CA ALA A 167 26.48 18.72 -36.39
C ALA A 167 25.87 17.48 -35.77
N PHE A 168 24.68 17.60 -35.23
CA PHE A 168 24.06 16.45 -34.59
C PHE A 168 22.60 16.27 -34.94
N ASP A 169 22.16 15.03 -34.87
CA ASP A 169 20.76 14.68 -35.07
C ASP A 169 20.16 14.72 -33.66
N ASP A 170 18.88 15.00 -33.55
CA ASP A 170 18.22 15.09 -32.23
C ASP A 170 18.43 13.89 -31.31
N ASN A 171 18.63 12.71 -31.89
CA ASN A 171 18.81 11.52 -31.09
C ASN A 171 20.24 11.34 -30.57
N GLN A 172 21.12 12.30 -30.86
CA GLN A 172 22.49 12.25 -30.38
C GLN A 172 22.64 13.33 -29.32
N LEU A 173 21.61 14.16 -29.20
CA LEU A 173 21.62 15.23 -28.22
C LEU A 173 21.06 14.73 -26.90
N PHE A 174 21.77 15.01 -25.82
CA PHE A 174 21.33 14.59 -24.51
C PHE A 174 21.27 15.77 -23.59
N ARG A 175 20.08 16.36 -23.49
CA ARG A 175 19.85 17.52 -22.63
C ARG A 175 19.76 17.00 -21.22
N ILE A 176 20.55 17.57 -20.33
CA ILE A 176 20.60 17.13 -18.95
C ILE A 176 19.66 17.79 -17.98
N ASP A 177 18.93 16.94 -17.25
CA ASP A 177 18.01 17.39 -16.23
C ASP A 177 18.23 16.30 -15.19
N HIS A 178 19.05 16.61 -14.20
CA HIS A 178 19.41 15.63 -13.19
C HIS A 178 18.27 15.00 -12.37
N TYR A 179 17.13 15.68 -12.30
CA TYR A 179 15.99 15.10 -11.57
C TYR A 179 15.54 13.83 -12.31
N LEU A 180 15.70 13.81 -13.63
CA LEU A 180 15.33 12.64 -14.41
C LEU A 180 16.30 11.50 -14.11
N GLY A 181 17.40 11.85 -13.44
CA GLY A 181 18.42 10.87 -13.08
C GLY A 181 18.23 10.31 -11.68
N LYS A 182 17.25 10.81 -10.93
CA LYS A 182 17.00 10.31 -9.58
C LYS A 182 16.25 8.95 -9.60
N GLU A 183 16.72 8.03 -8.76
CA GLU A 183 16.15 6.67 -8.69
C GLU A 183 14.63 6.61 -8.57
N MET A 184 14.10 7.33 -7.59
CA MET A 184 12.69 7.31 -7.33
C MET A 184 11.85 7.78 -8.48
N VAL A 185 12.38 8.70 -9.25
CA VAL A 185 11.64 9.20 -10.40
C VAL A 185 11.51 8.08 -11.42
N GLN A 186 12.47 7.17 -11.41
CA GLN A 186 12.44 6.07 -12.37
C GLN A 186 11.59 4.94 -11.90
N ASN A 187 11.05 5.04 -10.70
CA ASN A 187 10.18 4.01 -10.17
C ASN A 187 8.75 4.22 -10.65
N ILE A 188 8.42 5.42 -11.12
CA ILE A 188 7.07 5.73 -11.58
C ILE A 188 6.54 4.74 -12.62
N ALA A 189 7.25 4.56 -13.72
CA ALA A 189 6.79 3.63 -14.75
C ALA A 189 6.67 2.20 -14.24
N ALA A 190 7.57 1.80 -13.34
CA ALA A 190 7.54 0.44 -12.80
C ALA A 190 6.27 0.24 -12.00
N LEU A 191 5.99 1.17 -11.10
CA LEU A 191 4.81 1.13 -10.25
C LEU A 191 3.54 1.04 -11.11
N ARG A 192 3.47 1.87 -12.13
CA ARG A 192 2.31 1.92 -12.98
C ARG A 192 2.10 0.75 -13.94
N PHE A 193 3.08 0.49 -14.79
CA PHE A 193 2.96 -0.58 -15.77
C PHE A 193 3.24 -1.95 -15.22
N GLY A 194 3.83 -2.03 -14.03
CA GLY A 194 4.15 -3.33 -13.49
C GLY A 194 3.10 -3.91 -12.54
N ASN A 195 2.05 -3.14 -12.29
CA ASN A 195 0.99 -3.56 -11.38
C ASN A 195 -0.35 -3.23 -12.03
N PRO A 196 -1.01 -4.25 -12.60
CA PRO A 196 -2.31 -4.05 -13.26
C PRO A 196 -3.31 -3.23 -12.46
N ILE A 197 -3.36 -3.41 -11.14
CA ILE A 197 -4.33 -2.64 -10.37
C ILE A 197 -4.11 -1.14 -10.51
N PHE A 198 -2.86 -0.71 -10.68
CA PHE A 198 -2.58 0.71 -10.87
C PHE A 198 -2.68 1.07 -12.36
N ASP A 199 -2.14 0.19 -13.19
CA ASP A 199 -2.16 0.40 -14.62
C ASP A 199 -3.59 0.68 -15.12
N ALA A 200 -4.55 -0.15 -14.68
CA ALA A 200 -5.95 0.01 -15.11
C ALA A 200 -6.64 1.24 -14.53
N ALA A 201 -6.14 1.72 -13.40
CA ALA A 201 -6.70 2.89 -12.72
C ALA A 201 -5.99 4.22 -13.05
N TRP A 202 -5.03 4.19 -13.97
CA TRP A 202 -4.25 5.39 -14.27
C TRP A 202 -4.93 6.23 -15.34
N ASN A 203 -6.13 6.72 -15.02
CA ASN A 203 -6.89 7.50 -15.97
C ASN A 203 -7.97 8.27 -15.26
N LYS A 204 -8.75 9.03 -16.03
CA LYS A 204 -9.81 9.87 -15.47
C LYS A 204 -10.93 9.16 -14.71
N ASP A 205 -11.07 7.85 -14.88
CA ASP A 205 -12.12 7.15 -14.15
C ASP A 205 -11.79 6.88 -12.70
N TYR A 206 -10.51 6.91 -12.33
CA TYR A 206 -10.15 6.64 -10.95
C TYR A 206 -9.37 7.76 -10.29
N ILE A 207 -8.67 8.57 -11.08
CA ILE A 207 -7.86 9.67 -10.53
C ILE A 207 -8.61 10.99 -10.48
N LYS A 208 -8.63 11.57 -9.28
CA LYS A 208 -9.28 12.86 -9.01
C LYS A 208 -8.35 13.99 -9.52
N ASN A 209 -7.08 13.92 -9.11
CA ASN A 209 -6.09 14.91 -9.51
C ASN A 209 -4.68 14.42 -9.20
N VAL A 210 -3.68 15.03 -9.84
CA VAL A 210 -2.28 14.65 -9.64
C VAL A 210 -1.53 15.87 -9.07
N GLN A 211 -0.66 15.64 -8.10
CA GLN A 211 0.09 16.72 -7.49
C GLN A 211 1.59 16.49 -7.55
N VAL A 212 2.33 17.53 -7.96
CA VAL A 212 3.78 17.50 -8.04
C VAL A 212 4.30 18.65 -7.20
N THR A 213 5.13 18.33 -6.22
CA THR A 213 5.68 19.32 -5.33
C THR A 213 7.21 19.29 -5.24
N LEU A 214 7.86 20.41 -5.55
CA LEU A 214 9.33 20.54 -5.43
C LEU A 214 9.54 21.75 -4.52
N SER A 215 9.61 21.51 -3.21
CA SER A 215 9.76 22.59 -2.24
C SER A 215 11.12 22.56 -1.57
N GLU A 216 11.62 23.74 -1.20
CA GLU A 216 12.93 23.85 -0.58
C GLU A 216 12.81 24.75 0.64
N VAL A 217 13.63 24.52 1.65
CA VAL A 217 13.59 25.37 2.83
C VAL A 217 14.52 26.58 2.64
N LEU A 218 15.56 26.42 1.83
CA LEU A 218 16.52 27.50 1.59
C LEU A 218 15.95 28.66 0.82
N GLY A 219 16.59 29.81 1.00
CA GLY A 219 16.22 31.04 0.31
C GLY A 219 17.10 31.23 -0.92
N VAL A 220 17.17 32.44 -1.43
CA VAL A 220 17.93 32.72 -2.64
C VAL A 220 19.45 32.52 -2.46
N GLU A 221 19.89 32.40 -1.21
CA GLU A 221 21.31 32.19 -0.93
C GLU A 221 22.18 33.29 -1.50
N GLU A 222 23.14 32.91 -2.34
CA GLU A 222 24.07 33.88 -2.93
C GLU A 222 24.09 33.83 -4.45
N ARG A 223 23.00 33.34 -5.05
CA ARG A 223 22.90 33.24 -6.51
C ARG A 223 21.90 34.23 -7.10
N ALA A 224 21.57 35.27 -6.31
CA ALA A 224 20.59 36.28 -6.70
C ALA A 224 20.76 36.84 -8.10
N GLY A 225 21.99 37.00 -8.54
CA GLY A 225 22.24 37.53 -9.88
C GLY A 225 21.53 36.73 -10.94
N TYR A 226 21.70 35.43 -10.90
CA TYR A 226 21.06 34.54 -11.87
C TYR A 226 19.59 34.31 -11.53
N TYR A 227 19.31 33.94 -10.29
CA TYR A 227 17.94 33.64 -9.86
C TYR A 227 16.92 34.76 -10.08
N ASP A 228 17.33 36.00 -9.85
CA ASP A 228 16.41 37.13 -10.01
C ASP A 228 15.86 37.28 -11.43
N THR A 229 16.54 36.72 -12.42
CA THR A 229 16.02 36.82 -13.78
C THR A 229 15.33 35.52 -14.19
N ALA A 230 15.54 34.45 -13.43
CA ALA A 230 14.94 33.15 -13.75
C ALA A 230 13.67 32.80 -12.95
N GLY A 231 13.74 32.98 -11.64
CA GLY A 231 12.62 32.67 -10.78
C GLY A 231 12.32 31.19 -10.70
N ALA A 232 11.35 30.83 -9.85
CA ALA A 232 10.96 29.43 -9.70
C ALA A 232 10.43 28.95 -11.04
N LEU A 233 9.80 29.85 -11.78
CA LEU A 233 9.22 29.54 -13.09
C LEU A 233 10.19 28.91 -14.10
N LEU A 234 11.36 29.52 -14.28
CA LEU A 234 12.32 28.98 -15.24
C LEU A 234 13.33 28.05 -14.60
N ASP A 235 13.63 28.27 -13.32
CA ASP A 235 14.59 27.45 -12.60
C ASP A 235 14.06 26.09 -12.11
N MET A 236 12.76 26.03 -11.78
CA MET A 236 12.16 24.78 -11.26
C MET A 236 11.00 24.21 -12.07
N ILE A 237 10.10 25.09 -12.51
CA ILE A 237 8.94 24.64 -13.28
C ILE A 237 9.18 24.19 -14.72
N GLN A 238 9.74 25.08 -15.54
CA GLN A 238 9.97 24.78 -16.95
C GLN A 238 10.76 23.51 -17.22
N ASN A 239 11.67 23.15 -16.32
CA ASN A 239 12.50 21.97 -16.55
C ASN A 239 12.20 20.72 -15.70
N HIS A 240 12.55 20.78 -14.41
CA HIS A 240 12.38 19.65 -13.51
C HIS A 240 10.92 19.22 -13.38
N THR A 241 10.05 20.14 -13.02
CA THR A 241 8.62 19.86 -12.83
C THR A 241 7.97 19.29 -14.09
N MET A 242 8.14 19.99 -15.20
CA MET A 242 7.56 19.53 -16.45
C MET A 242 7.98 18.13 -16.85
N GLN A 243 9.25 17.79 -16.64
CA GLN A 243 9.72 16.47 -17.02
C GLN A 243 9.21 15.36 -16.13
N ILE A 244 8.88 15.70 -14.88
CA ILE A 244 8.32 14.69 -14.00
C ILE A 244 6.87 14.46 -14.48
N VAL A 245 6.17 15.54 -14.80
CA VAL A 245 4.79 15.45 -15.28
C VAL A 245 4.76 14.53 -16.50
N GLY A 246 5.77 14.65 -17.35
CA GLY A 246 5.85 13.81 -18.54
C GLY A 246 5.77 12.32 -18.22
N TRP A 247 6.45 11.88 -17.17
CA TRP A 247 6.42 10.48 -16.80
C TRP A 247 5.04 10.12 -16.29
N LEU A 248 4.41 11.04 -15.58
CA LEU A 248 3.09 10.78 -15.02
C LEU A 248 1.97 10.76 -16.06
N ALA A 249 2.01 11.70 -16.98
CA ALA A 249 0.95 11.83 -17.94
C ALA A 249 1.06 10.99 -19.19
N MET A 250 2.21 10.37 -19.39
CA MET A 250 2.44 9.63 -20.61
C MET A 250 1.37 8.58 -20.89
N GLU A 251 1.20 8.26 -22.16
CA GLU A 251 0.28 7.21 -22.52
C GLU A 251 1.01 5.87 -22.38
N LYS A 252 0.29 4.77 -22.50
CA LYS A 252 0.94 3.48 -22.38
C LYS A 252 1.68 3.23 -23.67
N PRO A 253 2.99 2.96 -23.59
CA PRO A 253 3.81 2.71 -24.77
C PRO A 253 3.73 1.31 -25.35
N GLU A 254 4.17 1.18 -26.61
CA GLU A 254 4.18 -0.10 -27.29
C GLU A 254 5.07 -1.05 -26.55
N SER A 255 6.23 -0.54 -26.16
CA SER A 255 7.21 -1.33 -25.43
C SER A 255 8.00 -0.36 -24.57
N PHE A 256 8.94 -0.88 -23.79
CA PHE A 256 9.70 -0.02 -22.93
C PHE A 256 11.05 0.43 -23.49
N THR A 257 11.13 0.73 -24.79
CA THR A 257 12.39 1.22 -25.33
C THR A 257 12.32 2.74 -25.38
N ASP A 258 13.48 3.39 -25.34
CA ASP A 258 13.52 4.85 -25.36
C ASP A 258 12.68 5.50 -26.44
N LYS A 259 12.64 4.91 -27.63
CA LYS A 259 11.86 5.47 -28.72
C LYS A 259 10.36 5.46 -28.42
N ASP A 260 9.86 4.36 -27.86
CA ASP A 260 8.45 4.28 -27.54
C ASP A 260 8.10 5.13 -26.34
N ILE A 261 9.01 5.20 -25.37
CA ILE A 261 8.80 6.01 -24.18
C ILE A 261 8.63 7.49 -24.54
N ARG A 262 9.52 7.99 -25.37
CA ARG A 262 9.49 9.38 -25.80
C ARG A 262 8.24 9.63 -26.64
N ALA A 263 7.91 8.67 -27.50
CA ALA A 263 6.70 8.78 -28.30
C ALA A 263 5.48 8.90 -27.37
N ALA A 264 5.41 8.01 -26.36
CA ALA A 264 4.34 7.99 -25.38
C ALA A 264 4.30 9.29 -24.60
N LYS A 265 5.46 9.86 -24.29
CA LYS A 265 5.48 11.14 -23.57
C LYS A 265 5.07 12.29 -24.48
N ASN A 266 5.49 12.24 -25.73
CA ASN A 266 5.19 13.31 -26.67
C ASN A 266 3.73 13.47 -26.94
N ALA A 267 3.00 12.36 -26.97
CA ALA A 267 1.56 12.38 -27.20
C ALA A 267 0.85 13.18 -26.11
N ALA A 268 1.33 13.03 -24.87
CA ALA A 268 0.75 13.74 -23.75
C ALA A 268 1.02 15.25 -23.88
N PHE A 269 2.29 15.61 -24.01
CA PHE A 269 2.67 17.01 -24.16
C PHE A 269 1.94 17.69 -25.33
N ASN A 270 1.74 16.98 -26.44
CA ASN A 270 1.01 17.57 -27.55
C ASN A 270 -0.43 17.89 -27.20
N ALA A 271 -0.94 17.26 -26.14
CA ALA A 271 -2.31 17.52 -25.73
C ALA A 271 -2.34 18.59 -24.64
N LEU A 272 -1.18 19.05 -24.19
CA LEU A 272 -1.14 20.06 -23.13
C LEU A 272 -1.77 21.37 -23.60
N LYS A 273 -2.59 21.95 -22.74
CA LYS A 273 -3.28 23.20 -23.03
C LYS A 273 -2.39 24.39 -22.73
N ILE A 274 -2.20 25.26 -23.72
CA ILE A 274 -1.37 26.46 -23.56
C ILE A 274 -2.29 27.63 -23.24
N TYR A 275 -2.04 28.34 -22.14
CA TYR A 275 -2.95 29.40 -21.71
C TYR A 275 -2.79 30.79 -22.29
N ASP A 276 -3.87 31.57 -22.20
CA ASP A 276 -3.87 32.96 -22.63
C ASP A 276 -3.81 33.77 -21.34
N GLU A 277 -3.83 35.10 -21.45
CA GLU A 277 -3.72 35.95 -20.29
C GLU A 277 -4.73 35.69 -19.17
N ALA A 278 -6.00 35.64 -19.52
CA ALA A 278 -7.05 35.39 -18.54
C ALA A 278 -6.82 34.04 -17.85
N GLU A 279 -6.43 33.03 -18.63
CA GLU A 279 -6.20 31.70 -18.09
C GLU A 279 -5.02 31.60 -17.13
N VAL A 280 -3.92 32.30 -17.45
CA VAL A 280 -2.75 32.30 -16.58
C VAL A 280 -3.16 32.87 -15.22
N ASN A 281 -4.02 33.87 -15.27
CA ASN A 281 -4.53 34.51 -14.05
C ASN A 281 -5.43 33.56 -13.30
N LYS A 282 -6.20 32.78 -14.04
CA LYS A 282 -7.13 31.83 -13.46
C LYS A 282 -6.45 30.58 -12.92
N TYR A 283 -5.45 30.09 -13.62
CA TYR A 283 -4.81 28.84 -13.25
C TYR A 283 -3.43 28.81 -12.62
N PHE A 284 -2.80 29.98 -12.51
CA PHE A 284 -1.48 30.05 -11.93
C PHE A 284 -1.36 31.06 -10.82
N VAL A 285 -0.36 30.87 -9.98
CA VAL A 285 -0.05 31.74 -8.85
C VAL A 285 1.48 31.91 -8.81
N ARG A 286 1.92 33.15 -8.60
CA ARG A 286 3.34 33.49 -8.50
C ARG A 286 3.44 34.23 -7.16
N ALA A 287 4.50 33.95 -6.41
CA ALA A 287 4.67 34.60 -5.12
C ALA A 287 6.16 34.79 -4.85
N GLN A 288 6.44 35.59 -3.83
CA GLN A 288 7.81 35.93 -3.45
C GLN A 288 7.83 35.80 -1.93
N TYR A 289 8.88 35.21 -1.37
CA TYR A 289 8.91 35.04 0.07
C TYR A 289 9.17 36.29 0.92
N GLY A 290 8.37 36.42 1.98
CA GLY A 290 8.48 37.52 2.92
C GLY A 290 9.32 37.07 4.11
N ALA A 291 9.20 37.77 5.23
CA ALA A 291 9.97 37.43 6.42
C ALA A 291 9.44 36.15 7.06
N GLY A 292 10.27 35.49 7.85
CA GLY A 292 9.87 34.25 8.50
C GLY A 292 9.68 34.47 9.99
N ASP A 293 10.13 33.53 10.80
CA ASP A 293 9.99 33.63 12.26
C ASP A 293 11.31 33.92 12.96
N SER A 294 12.38 34.05 12.19
CA SER A 294 13.69 34.29 12.79
C SER A 294 14.46 35.37 12.03
N ALA A 295 15.53 35.86 12.66
CA ALA A 295 16.39 36.88 12.07
C ALA A 295 17.25 36.30 10.95
N ASP A 296 17.04 35.03 10.63
CA ASP A 296 17.78 34.37 9.55
C ASP A 296 16.94 34.52 8.29
N PHE A 297 15.63 34.57 8.47
CA PHE A 297 14.72 34.66 7.35
C PHE A 297 14.33 36.08 6.94
N LYS A 298 15.12 36.67 6.06
CA LYS A 298 14.86 38.03 5.57
C LYS A 298 13.89 37.91 4.42
N PRO A 299 13.09 38.96 4.16
CA PRO A 299 12.18 38.84 3.03
C PRO A 299 13.09 38.83 1.80
N TYR A 300 12.63 38.27 0.69
CA TYR A 300 13.47 38.20 -0.50
C TYR A 300 14.11 39.55 -0.95
N LEU A 301 13.34 40.64 -0.87
CA LEU A 301 13.84 41.95 -1.29
C LEU A 301 15.02 42.44 -0.46
N GLU A 302 15.25 41.82 0.68
CA GLU A 302 16.36 42.20 1.53
C GLU A 302 17.53 41.25 1.41
N GLU A 303 17.50 40.36 0.43
CA GLU A 303 18.61 39.41 0.23
C GLU A 303 19.71 40.10 -0.56
N LEU A 304 20.93 39.59 -0.42
CA LEU A 304 22.10 40.12 -1.11
C LEU A 304 21.94 40.08 -2.60
N ASP A 305 22.30 41.18 -3.26
CA ASP A 305 22.23 41.31 -4.70
C ASP A 305 20.83 41.24 -5.29
N VAL A 306 19.81 41.49 -4.48
CA VAL A 306 18.44 41.49 -4.99
C VAL A 306 17.96 42.96 -5.17
N PRO A 307 17.67 43.37 -6.41
CA PRO A 307 17.21 44.76 -6.60
C PRO A 307 15.96 45.06 -5.80
N ALA A 308 15.94 46.23 -5.17
CA ALA A 308 14.84 46.67 -4.32
C ALA A 308 13.43 46.65 -4.94
N ASP A 309 13.31 46.70 -6.25
CA ASP A 309 11.98 46.68 -6.83
C ASP A 309 11.66 45.31 -7.46
N SER A 310 12.46 44.29 -7.13
CA SER A 310 12.25 42.99 -7.74
C SER A 310 10.85 42.43 -7.62
N LYS A 311 10.35 41.97 -8.75
CA LYS A 311 9.04 41.33 -8.81
C LYS A 311 9.24 39.86 -9.21
N ASN A 312 10.43 39.33 -8.94
CA ASN A 312 10.77 37.95 -9.27
C ASN A 312 9.92 36.98 -8.47
N ASN A 313 9.63 35.82 -9.06
CA ASN A 313 8.85 34.81 -8.35
C ASN A 313 9.77 33.79 -7.69
N THR A 314 9.57 33.59 -6.38
CA THR A 314 10.34 32.60 -5.65
C THR A 314 9.45 31.37 -5.38
N PHE A 315 8.23 31.44 -5.92
CA PHE A 315 7.23 30.38 -5.74
C PHE A 315 6.20 30.41 -6.87
N ILE A 316 5.89 29.23 -7.41
CA ILE A 316 4.88 29.08 -8.47
C ILE A 316 3.97 27.86 -8.12
N ALA A 317 2.66 28.02 -8.31
CA ALA A 317 1.67 26.94 -8.09
C ALA A 317 0.77 27.07 -9.31
N GLY A 318 0.47 25.97 -9.99
CA GLY A 318 -0.36 26.08 -11.15
C GLY A 318 -1.04 24.78 -11.51
N GLU A 319 -2.04 24.89 -12.38
CA GLU A 319 -2.79 23.75 -12.84
C GLU A 319 -2.57 23.54 -14.33
N LEU A 320 -2.24 22.31 -14.72
CA LEU A 320 -2.04 21.95 -16.12
C LEU A 320 -3.23 21.08 -16.56
N GLN A 321 -3.58 21.14 -17.84
CA GLN A 321 -4.70 20.33 -18.33
C GLN A 321 -4.32 19.68 -19.64
N PHE A 322 -4.65 18.40 -19.78
CA PHE A 322 -4.37 17.64 -20.99
C PHE A 322 -5.62 17.28 -21.79
N ASP A 323 -5.60 17.59 -23.09
CA ASP A 323 -6.71 17.32 -23.99
C ASP A 323 -6.60 15.91 -24.60
N LEU A 324 -6.58 14.89 -23.74
CA LEU A 324 -6.48 13.51 -24.17
C LEU A 324 -7.56 12.78 -23.34
N PRO A 325 -8.28 11.84 -23.96
CA PRO A 325 -9.35 11.12 -23.25
C PRO A 325 -8.92 10.63 -21.87
N ARG A 326 -7.74 10.03 -21.81
CA ARG A 326 -7.20 9.51 -20.56
C ARG A 326 -7.24 10.52 -19.42
N TRP A 327 -7.01 11.79 -19.73
CA TRP A 327 -6.97 12.80 -18.69
C TRP A 327 -8.08 13.84 -18.69
N GLU A 328 -9.16 13.58 -19.42
CA GLU A 328 -10.30 14.51 -19.46
C GLU A 328 -10.73 14.92 -18.07
N GLY A 329 -10.61 16.21 -17.78
CA GLY A 329 -11.05 16.69 -16.49
C GLY A 329 -10.16 16.45 -15.28
N VAL A 330 -9.00 15.81 -15.43
CA VAL A 330 -8.17 15.64 -14.25
C VAL A 330 -7.04 16.69 -14.21
N PRO A 331 -7.14 17.63 -13.26
CA PRO A 331 -6.10 18.65 -13.18
C PRO A 331 -4.81 18.15 -12.61
N PHE A 332 -3.72 18.59 -13.19
CA PHE A 332 -2.39 18.25 -12.68
C PHE A 332 -1.91 19.51 -11.94
N TYR A 333 -1.78 19.42 -10.63
CA TYR A 333 -1.33 20.56 -9.83
C TYR A 333 0.17 20.47 -9.67
N VAL A 334 0.79 21.63 -9.84
CA VAL A 334 2.22 21.74 -9.81
C VAL A 334 2.61 22.90 -8.90
N ARG A 335 3.64 22.69 -8.09
CA ARG A 335 4.13 23.76 -7.21
C ARG A 335 5.62 23.59 -6.89
N SER A 336 6.29 24.72 -6.81
CA SER A 336 7.70 24.76 -6.47
C SER A 336 8.04 26.13 -5.89
N GLY A 337 8.91 26.16 -4.90
CA GLY A 337 9.27 27.43 -4.31
C GLY A 337 10.35 27.34 -3.28
N LYS A 338 10.91 28.49 -2.96
CA LYS A 338 11.97 28.59 -1.98
C LYS A 338 11.40 29.03 -0.64
N ARG A 339 12.13 28.80 0.43
CA ARG A 339 11.67 29.20 1.77
C ARG A 339 10.35 28.57 2.22
N LEU A 340 10.11 27.33 1.81
CA LEU A 340 8.89 26.62 2.17
C LEU A 340 9.11 25.83 3.48
N ALA A 341 8.07 25.14 3.96
CA ALA A 341 8.16 24.39 5.22
C ALA A 341 9.20 23.26 5.29
N ALA A 342 9.47 22.60 4.18
CA ALA A 342 10.40 21.49 4.20
C ALA A 342 10.97 21.27 2.83
N LYS A 343 12.03 20.47 2.77
CA LYS A 343 12.70 20.12 1.53
C LYS A 343 11.97 18.84 1.11
N GLN A 344 11.34 18.86 -0.06
CA GLN A 344 10.62 17.67 -0.53
C GLN A 344 10.29 17.65 -2.01
N THR A 345 10.57 16.53 -2.66
CA THR A 345 10.25 16.35 -4.06
C THR A 345 9.34 15.14 -4.03
N ARG A 346 8.07 15.34 -4.33
CA ARG A 346 7.13 14.25 -4.27
C ARG A 346 6.00 14.35 -5.27
N VAL A 347 5.37 13.20 -5.51
CA VAL A 347 4.23 13.08 -6.43
C VAL A 347 3.07 12.46 -5.61
N ASP A 348 1.88 13.06 -5.67
CA ASP A 348 0.74 12.50 -4.95
C ASP A 348 -0.40 12.32 -5.93
N ILE A 349 -0.89 11.10 -6.05
CA ILE A 349 -2.00 10.80 -6.94
C ILE A 349 -3.23 10.58 -6.06
N VAL A 350 -4.17 11.51 -6.18
CA VAL A 350 -5.41 11.49 -5.42
C VAL A 350 -6.51 10.79 -6.22
N PHE A 351 -6.99 9.65 -5.72
CA PHE A 351 -8.02 8.88 -6.40
C PHE A 351 -9.42 9.33 -5.96
N LYS A 352 -10.36 9.34 -6.90
CA LYS A 352 -11.76 9.70 -6.60
C LYS A 352 -12.27 8.79 -5.47
N ALA A 353 -13.06 9.34 -4.54
CA ALA A 353 -13.62 8.56 -3.44
C ALA A 353 -14.70 7.61 -3.96
N GLY A 354 -14.90 6.47 -3.28
CA GLY A 354 -15.91 5.53 -3.71
C GLY A 354 -17.33 6.03 -3.44
N THR A 355 -18.32 5.51 -4.16
CA THR A 355 -19.70 5.93 -3.98
C THR A 355 -20.55 4.99 -3.11
N PHE A 356 -20.04 3.77 -2.84
CA PHE A 356 -20.73 2.78 -2.02
C PHE A 356 -20.91 3.34 -0.62
N ASN A 357 -22.15 3.50 -0.18
CA ASN A 357 -22.35 4.04 1.16
C ASN A 357 -22.44 2.96 2.23
N PHE A 358 -21.68 3.15 3.29
CA PHE A 358 -21.65 2.20 4.39
C PHE A 358 -22.72 2.59 5.40
N GLY A 359 -23.28 3.79 5.22
CA GLY A 359 -24.28 4.28 6.13
C GLY A 359 -23.62 4.69 7.44
N SER A 360 -22.31 4.90 7.39
CA SER A 360 -21.55 5.30 8.55
C SER A 360 -21.47 6.83 8.61
N GLU A 361 -20.98 7.34 9.73
CA GLU A 361 -20.84 8.78 9.91
C GLU A 361 -19.83 9.34 8.91
N GLN A 362 -18.68 8.68 8.79
CA GLN A 362 -17.62 9.09 7.89
C GLN A 362 -17.63 8.13 6.71
N GLU A 363 -18.01 8.61 5.53
CA GLU A 363 -18.00 7.77 4.34
C GLU A 363 -16.57 7.72 3.78
N ALA A 364 -16.36 6.86 2.78
CA ALA A 364 -15.05 6.69 2.17
C ALA A 364 -14.45 7.97 1.59
N GLN A 365 -13.21 8.24 1.96
CA GLN A 365 -12.50 9.41 1.46
C GLN A 365 -11.62 9.00 0.30
N GLU A 366 -10.92 9.96 -0.28
CA GLU A 366 -10.07 9.68 -1.42
C GLU A 366 -8.81 8.92 -1.03
N ALA A 367 -8.47 7.89 -1.80
CA ALA A 367 -7.24 7.15 -1.54
C ALA A 367 -6.09 7.96 -2.17
N VAL A 368 -4.85 7.80 -1.69
CA VAL A 368 -3.71 8.54 -2.25
C VAL A 368 -2.43 7.72 -2.41
N LEU A 369 -1.88 7.70 -3.63
CA LEU A 369 -0.62 7.02 -3.84
C LEU A 369 0.44 8.15 -3.83
N SER A 370 1.41 8.06 -2.93
CA SER A 370 2.46 9.08 -2.82
C SER A 370 3.84 8.50 -3.05
N ILE A 371 4.61 9.12 -3.94
CA ILE A 371 5.97 8.68 -4.21
C ILE A 371 6.90 9.83 -3.79
N ILE A 372 7.64 9.64 -2.70
CA ILE A 372 8.56 10.67 -2.22
C ILE A 372 9.91 10.40 -2.88
N ILE A 373 10.38 11.42 -3.59
CA ILE A 373 11.66 11.37 -4.33
C ILE A 373 12.83 11.90 -3.50
N ASP A 374 12.65 13.07 -2.89
CA ASP A 374 13.67 13.68 -2.04
C ASP A 374 12.93 14.05 -0.77
N PRO A 375 13.62 14.05 0.38
CA PRO A 375 15.03 13.74 0.58
C PRO A 375 15.41 12.26 0.64
N LYS A 376 14.44 11.41 0.94
CA LYS A 376 14.68 9.96 1.06
C LYS A 376 13.55 9.27 0.33
N GLY A 377 13.87 8.28 -0.50
CA GLY A 377 12.85 7.56 -1.25
C GLY A 377 11.85 6.81 -0.40
N ALA A 378 10.57 7.03 -0.68
CA ALA A 378 9.52 6.38 0.09
C ALA A 378 8.26 6.31 -0.76
N ILE A 379 7.44 5.27 -0.53
CA ILE A 379 6.19 5.13 -1.26
C ILE A 379 5.11 4.85 -0.22
N GLU A 380 4.04 5.64 -0.24
CA GLU A 380 2.96 5.40 0.68
C GLU A 380 1.58 5.42 0.04
N LEU A 381 0.72 4.53 0.53
CA LEU A 381 -0.63 4.39 0.01
C LEU A 381 -1.66 4.57 1.12
N LYS A 382 -2.38 5.68 1.07
CA LYS A 382 -3.41 6.01 2.05
C LYS A 382 -4.65 5.30 1.57
N LEU A 383 -5.23 4.45 2.41
CA LEU A 383 -6.40 3.62 2.06
C LEU A 383 -7.55 3.73 3.07
N ASN A 384 -8.78 3.50 2.59
CA ASN A 384 -9.94 3.49 3.51
C ASN A 384 -10.03 2.11 4.16
N ALA A 385 -10.30 2.10 5.46
CA ALA A 385 -10.43 0.86 6.23
C ALA A 385 -11.46 1.19 7.32
N LYS A 386 -11.66 0.27 8.25
CA LYS A 386 -12.63 0.49 9.33
C LYS A 386 -11.99 1.17 10.55
N SER A 387 -12.71 2.11 11.16
CA SER A 387 -12.23 2.79 12.36
C SER A 387 -12.28 1.81 13.50
N VAL A 388 -11.58 2.12 14.57
CA VAL A 388 -11.60 1.29 15.77
C VAL A 388 -12.61 1.99 16.70
N GLU A 389 -13.90 1.78 16.41
CA GLU A 389 -15.03 2.34 17.15
C GLU A 389 -16.11 1.26 17.31
N ASP A 390 -17.08 1.52 18.19
CA ASP A 390 -18.14 0.55 18.44
C ASP A 390 -19.12 0.40 17.30
N ALA A 391 -19.35 1.49 16.57
CA ALA A 391 -20.23 1.46 15.42
C ALA A 391 -19.35 1.49 14.17
N PHE A 392 -19.74 0.74 13.15
CA PHE A 392 -18.98 0.67 11.91
C PHE A 392 -18.78 2.07 11.36
N ASN A 393 -17.53 2.37 11.02
CA ASN A 393 -17.23 3.69 10.49
C ASN A 393 -15.92 3.58 9.72
N THR A 394 -15.72 4.43 8.72
CA THR A 394 -14.48 4.36 7.96
C THR A 394 -13.42 5.34 8.45
N ARG A 395 -12.17 5.00 8.19
CA ARG A 395 -11.04 5.85 8.57
C ARG A 395 -10.03 5.67 7.42
N THR A 396 -8.97 6.45 7.46
CA THR A 396 -7.95 6.37 6.44
C THR A 396 -6.63 5.92 7.12
N ILE A 397 -5.98 4.89 6.58
CA ILE A 397 -4.71 4.40 7.13
C ILE A 397 -3.63 4.52 6.05
N ASP A 398 -2.36 4.47 6.44
CA ASP A 398 -1.27 4.61 5.47
C ASP A 398 -0.38 3.40 5.47
N LEU A 399 -0.24 2.73 4.33
CA LEU A 399 0.69 1.59 4.22
C LEU A 399 1.97 2.30 3.76
N GLY A 400 3.11 1.92 4.29
CA GLY A 400 4.32 2.60 3.86
C GLY A 400 5.48 1.70 3.57
N TRP A 401 6.44 2.26 2.83
CA TRP A 401 7.69 1.59 2.46
C TRP A 401 8.74 2.71 2.23
N THR A 402 9.96 2.51 2.71
CA THR A 402 11.03 3.50 2.50
C THR A 402 12.31 2.74 2.12
N VAL A 403 13.18 3.37 1.35
CA VAL A 403 14.43 2.72 0.94
C VAL A 403 15.22 2.17 2.13
N SER A 404 15.84 1.01 1.93
CA SER A 404 16.64 0.41 2.97
C SER A 404 18.02 1.04 2.96
N ASP A 405 18.84 0.69 3.94
CA ASP A 405 20.18 1.22 4.01
C ASP A 405 20.95 0.71 2.81
N GLU A 406 20.75 -0.55 2.48
CA GLU A 406 21.42 -1.12 1.32
C GLU A 406 20.99 -0.41 0.03
N ASP A 407 19.71 -0.05 -0.08
CA ASP A 407 19.21 0.64 -1.28
C ASP A 407 20.00 1.95 -1.46
N LYS A 408 20.11 2.71 -0.36
CA LYS A 408 20.82 3.97 -0.35
C LYS A 408 22.25 3.81 -0.83
N LYS A 409 22.99 2.87 -0.26
CA LYS A 409 24.38 2.71 -0.66
C LYS A 409 24.53 2.26 -2.10
N ASN A 410 23.56 1.52 -2.63
CA ASN A 410 23.68 1.08 -4.02
C ASN A 410 23.08 2.03 -5.05
N THR A 411 22.44 3.09 -4.60
CA THR A 411 21.85 4.02 -5.53
C THR A 411 22.85 4.94 -6.18
N PRO A 412 22.96 4.88 -7.52
CA PRO A 412 23.91 5.76 -8.22
C PRO A 412 23.45 7.21 -8.17
N GLU A 413 24.38 8.15 -8.04
CA GLU A 413 24.02 9.56 -8.02
C GLU A 413 23.53 9.89 -9.43
N PRO A 414 22.57 10.81 -9.55
CA PRO A 414 22.04 11.17 -10.85
C PRO A 414 23.02 11.39 -12.01
N TYR A 415 24.12 12.10 -11.79
CA TYR A 415 25.04 12.32 -12.92
C TYR A 415 25.72 11.06 -13.41
N GLU A 416 25.86 10.07 -12.54
CA GLU A 416 26.46 8.82 -12.99
C GLU A 416 25.48 8.14 -13.96
N ARG A 417 24.20 8.18 -13.59
CA ARG A 417 23.12 7.59 -14.39
C ARG A 417 23.08 8.17 -15.78
N MET A 418 23.12 9.50 -15.80
CA MET A 418 23.08 10.22 -17.04
C MET A 418 24.22 9.96 -17.96
N ILE A 419 25.42 9.95 -17.39
CA ILE A 419 26.61 9.70 -18.18
C ILE A 419 26.56 8.27 -18.70
N HIS A 420 26.29 7.34 -17.80
CA HIS A 420 26.23 5.93 -18.17
C HIS A 420 25.19 5.69 -19.28
N ASP A 421 24.01 6.29 -19.11
CA ASP A 421 22.95 6.15 -20.09
C ASP A 421 23.41 6.68 -21.44
N THR A 422 24.06 7.86 -21.44
CA THR A 422 24.55 8.44 -22.69
C THR A 422 25.56 7.51 -23.32
N MET A 423 26.39 6.87 -22.51
CA MET A 423 27.35 5.95 -23.08
C MET A 423 26.62 4.78 -23.73
N ASN A 424 25.49 4.38 -23.15
CA ASN A 424 24.73 3.29 -23.73
C ASN A 424 23.84 3.74 -24.85
N GLY A 425 23.73 5.05 -25.04
CA GLY A 425 22.89 5.60 -26.09
C GLY A 425 21.41 5.38 -25.80
N ASP A 426 21.04 5.45 -24.53
CA ASP A 426 19.68 5.24 -24.10
C ASP A 426 19.02 6.56 -23.78
N GLY A 427 18.03 6.95 -24.57
CA GLY A 427 17.37 8.24 -24.35
C GLY A 427 16.19 8.24 -23.40
N SER A 428 15.98 7.11 -22.72
CA SER A 428 14.84 6.99 -21.81
C SER A 428 14.72 8.07 -20.75
N ASN A 429 15.83 8.46 -20.14
CA ASN A 429 15.77 9.47 -19.07
C ASN A 429 16.17 10.88 -19.49
N PHE A 430 16.04 11.17 -20.77
CA PHE A 430 16.36 12.50 -21.30
C PHE A 430 15.13 12.99 -22.04
N ALA A 431 14.93 14.31 -22.07
CA ALA A 431 13.79 14.89 -22.77
C ALA A 431 14.25 15.09 -24.20
N ASP A 432 13.34 15.02 -25.16
CA ASP A 432 13.73 15.23 -26.56
C ASP A 432 13.26 16.62 -26.97
N TRP A 433 13.53 17.02 -28.20
CA TRP A 433 13.13 18.34 -28.64
C TRP A 433 11.62 18.63 -28.51
N ASN A 434 10.78 17.71 -28.95
CA ASN A 434 9.32 17.91 -28.87
C ASN A 434 8.90 18.27 -27.45
N GLY A 435 9.48 17.56 -26.48
CA GLY A 435 9.15 17.81 -25.09
C GLY A 435 9.62 19.17 -24.62
N VAL A 436 10.85 19.51 -24.95
CA VAL A 436 11.39 20.79 -24.54
C VAL A 436 10.64 21.96 -25.19
N SER A 437 10.35 21.85 -26.49
CA SER A 437 9.65 22.94 -27.17
C SER A 437 8.27 23.23 -26.57
N ILE A 438 7.54 22.17 -26.22
CA ILE A 438 6.21 22.33 -25.61
C ILE A 438 6.33 23.02 -24.25
N ALA A 439 7.29 22.58 -23.45
CA ALA A 439 7.51 23.17 -22.13
C ALA A 439 7.76 24.67 -22.29
N TRP A 440 8.58 25.04 -23.28
CA TRP A 440 8.85 26.44 -23.52
C TRP A 440 7.62 27.18 -23.98
N LYS A 441 6.87 26.60 -24.92
CA LYS A 441 5.65 27.24 -25.38
C LYS A 441 4.72 27.50 -24.21
N PHE A 442 4.55 26.48 -23.36
CA PHE A 442 3.69 26.59 -22.19
C PHE A 442 4.16 27.68 -21.23
N VAL A 443 5.44 27.65 -20.86
CA VAL A 443 6.01 28.63 -19.94
C VAL A 443 6.08 30.07 -20.48
N ASP A 444 6.28 30.23 -21.78
CA ASP A 444 6.36 31.56 -22.41
C ASP A 444 5.07 32.34 -22.19
N ALA A 445 3.94 31.67 -22.42
CA ALA A 445 2.64 32.28 -22.25
C ALA A 445 2.51 32.83 -20.83
N ILE A 446 3.09 32.15 -19.86
CA ILE A 446 3.03 32.60 -18.48
C ILE A 446 3.97 33.77 -18.23
N SER A 447 5.22 33.63 -18.65
CA SER A 447 6.23 34.67 -18.47
C SER A 447 5.77 35.96 -19.10
N ALA A 448 5.25 35.86 -20.31
CA ALA A 448 4.79 37.02 -21.05
C ALA A 448 3.88 37.89 -20.18
N VAL A 449 2.91 37.25 -19.51
CA VAL A 449 1.99 38.00 -18.66
C VAL A 449 2.70 38.47 -17.37
N TYR A 450 3.72 37.75 -16.92
CA TYR A 450 4.43 38.15 -15.70
C TYR A 450 5.31 39.36 -15.92
N THR A 451 6.11 39.36 -16.99
CA THR A 451 7.00 40.48 -17.24
C THR A 451 6.20 41.76 -17.47
N ALA A 452 5.05 41.63 -18.15
CA ALA A 452 4.18 42.78 -18.40
C ALA A 452 3.37 43.15 -17.14
N ASP A 453 3.67 42.42 -16.06
CA ASP A 453 3.03 42.61 -14.76
C ASP A 453 1.50 42.60 -14.82
N LYS A 454 0.96 41.67 -15.61
CA LYS A 454 -0.47 41.52 -15.78
C LYS A 454 -1.10 40.45 -14.86
N ALA A 455 -0.45 40.13 -13.75
CA ALA A 455 -0.95 39.15 -12.78
C ALA A 455 -0.36 39.54 -11.43
N PRO A 456 -1.10 39.32 -10.34
CA PRO A 456 -0.61 39.68 -9.01
C PRO A 456 0.64 38.94 -8.62
N LEU A 457 1.41 39.50 -7.70
CA LEU A 457 2.61 38.88 -7.16
C LEU A 457 2.24 38.74 -5.67
N GLU A 458 2.01 37.52 -5.22
CA GLU A 458 1.62 37.28 -3.83
C GLU A 458 2.83 37.19 -2.93
N THR A 459 2.58 37.29 -1.62
CA THR A 459 3.62 37.15 -0.62
C THR A 459 3.24 35.91 0.18
N TYR A 460 4.19 35.41 0.96
CA TYR A 460 3.95 34.26 1.82
C TYR A 460 5.07 34.32 2.84
N LYS A 461 4.81 33.94 4.09
CA LYS A 461 5.86 34.00 5.08
C LYS A 461 6.83 32.83 4.94
N SER A 462 8.12 33.10 5.09
CA SER A 462 9.14 32.08 4.99
C SER A 462 8.88 31.02 6.04
N GLY A 463 8.77 29.78 5.58
CA GLY A 463 8.51 28.67 6.49
C GLY A 463 7.14 28.04 6.33
N SER A 464 6.30 28.65 5.49
CA SER A 464 4.97 28.11 5.25
C SER A 464 5.00 27.28 3.95
N MET A 465 3.84 27.02 3.38
CA MET A 465 3.81 26.24 2.15
C MET A 465 3.38 27.10 0.97
N GLY A 466 3.41 28.41 1.14
CA GLY A 466 3.04 29.30 0.05
C GLY A 466 1.90 30.24 0.37
N PRO A 467 1.52 31.10 -0.59
CA PRO A 467 0.44 32.06 -0.40
C PRO A 467 -0.89 31.32 -0.30
N GLU A 468 -1.86 31.93 0.36
CA GLU A 468 -3.14 31.26 0.49
C GLU A 468 -3.77 31.06 -0.88
N ALA A 469 -3.40 31.88 -1.85
CA ALA A 469 -3.93 31.75 -3.20
C ALA A 469 -3.59 30.36 -3.78
N SER A 470 -2.55 29.73 -3.24
CA SER A 470 -2.19 28.39 -3.71
C SER A 470 -3.29 27.39 -3.36
N ASP A 471 -3.79 27.47 -2.12
CA ASP A 471 -4.84 26.59 -1.65
C ASP A 471 -6.14 26.92 -2.36
N LYS A 472 -6.36 28.21 -2.58
CA LYS A 472 -7.55 28.68 -3.24
C LYS A 472 -7.62 28.12 -4.64
N LEU A 473 -6.46 27.85 -5.23
CA LEU A 473 -6.39 27.30 -6.58
C LEU A 473 -7.00 25.89 -6.67
N LEU A 474 -6.62 25.01 -5.75
CA LEU A 474 -7.15 23.65 -5.74
C LEU A 474 -8.59 23.61 -5.21
N ALA A 475 -8.89 24.46 -4.23
CA ALA A 475 -10.23 24.51 -3.62
C ALA A 475 -11.33 24.69 -4.66
N ALA A 476 -11.04 25.43 -5.72
CA ALA A 476 -12.01 25.68 -6.78
C ALA A 476 -12.50 24.40 -7.44
N ASN A 477 -11.72 23.33 -7.33
CA ASN A 477 -12.10 22.07 -7.91
C ASN A 477 -12.42 21.06 -6.83
N GLY A 478 -12.54 21.53 -5.59
CA GLY A 478 -12.82 20.65 -4.47
C GLY A 478 -11.62 19.77 -4.12
N ASP A 479 -10.42 20.29 -4.38
CA ASP A 479 -9.20 19.56 -4.10
C ASP A 479 -8.40 20.28 -3.04
N ALA A 480 -7.36 19.62 -2.54
CA ALA A 480 -6.52 20.19 -1.50
C ALA A 480 -5.16 19.52 -1.59
N TRP A 481 -4.10 20.24 -1.23
CA TRP A 481 -2.75 19.67 -1.28
C TRP A 481 -2.69 18.58 -0.20
N VAL A 482 -2.11 17.44 -0.54
CA VAL A 482 -2.04 16.38 0.46
C VAL A 482 -0.87 16.62 1.40
N PHE A 483 0.25 17.09 0.86
CA PHE A 483 1.42 17.40 1.67
C PHE A 483 1.25 18.82 2.19
N LYS A 484 1.16 18.97 3.51
CA LYS A 484 0.97 20.27 4.14
C LYS A 484 2.19 20.74 4.91
N GLY A 485 3.34 20.13 4.65
CA GLY A 485 4.55 20.54 5.32
C GLY A 485 5.03 19.50 6.30
N VAL B 1 -22.52 8.66 24.26
CA VAL B 1 -23.08 7.28 24.28
C VAL B 1 -24.49 7.33 24.85
N SER B 2 -25.36 6.45 24.37
CA SER B 2 -26.73 6.39 24.83
C SER B 2 -26.87 5.15 25.70
N GLU B 3 -27.66 5.24 26.75
CA GLU B 3 -27.88 4.11 27.65
C GLU B 3 -28.70 3.06 26.92
N ILE B 4 -28.27 1.81 27.03
CA ILE B 4 -28.97 0.70 26.40
C ILE B 4 -29.81 0.06 27.50
N LYS B 5 -31.09 -0.16 27.21
CA LYS B 5 -31.98 -0.76 28.20
C LYS B 5 -32.19 -2.23 27.83
N THR B 6 -31.64 -3.13 28.65
CA THR B 6 -31.71 -4.56 28.36
C THR B 6 -31.57 -5.48 29.58
N LEU B 7 -32.07 -6.71 29.41
CA LEU B 7 -32.00 -7.74 30.43
C LEU B 7 -31.42 -8.96 29.73
N VAL B 8 -30.23 -9.37 30.15
CA VAL B 8 -29.59 -10.52 29.53
C VAL B 8 -29.47 -11.69 30.50
N THR B 9 -30.02 -12.82 30.09
CA THR B 9 -29.98 -14.03 30.88
C THR B 9 -28.93 -14.96 30.27
N PHE B 10 -28.06 -15.49 31.10
CA PHE B 10 -27.01 -16.40 30.64
C PHE B 10 -27.22 -17.85 31.08
N PHE B 11 -27.50 -18.73 30.13
CA PHE B 11 -27.62 -20.15 30.44
C PHE B 11 -26.19 -20.66 30.37
N GLY B 12 -25.73 -21.33 31.42
CA GLY B 12 -24.36 -21.80 31.44
C GLY B 12 -23.49 -20.68 32.00
N GLY B 13 -24.10 -19.85 32.86
CA GLY B 13 -23.42 -18.72 33.47
C GLY B 13 -22.28 -19.00 34.45
N THR B 14 -21.82 -20.25 34.55
CA THR B 14 -20.72 -20.60 35.45
C THR B 14 -19.61 -21.33 34.65
N GLY B 15 -19.83 -21.49 33.35
CA GLY B 15 -18.84 -22.16 32.51
C GLY B 15 -17.67 -21.24 32.19
N ASP B 16 -16.65 -21.81 31.55
CA ASP B 16 -15.45 -21.04 31.21
C ASP B 16 -15.72 -19.85 30.32
N LEU B 17 -16.53 -20.03 29.27
CA LEU B 17 -16.81 -18.92 28.35
C LEU B 17 -17.42 -17.72 29.08
N ALA B 18 -18.32 -18.01 30.02
CA ALA B 18 -18.98 -16.95 30.79
C ALA B 18 -17.98 -16.22 31.69
N LYS B 19 -17.21 -17.01 32.45
CA LYS B 19 -16.22 -16.49 33.38
C LYS B 19 -15.16 -15.67 32.70
N ARG B 20 -14.47 -16.27 31.74
CA ARG B 20 -13.37 -15.58 31.04
C ARG B 20 -13.71 -14.52 30.00
N LYS B 21 -14.84 -14.67 29.31
CA LYS B 21 -15.16 -13.72 28.26
C LYS B 21 -16.47 -12.97 28.33
N LEU B 22 -17.55 -13.68 28.63
CA LEU B 22 -18.87 -13.07 28.70
C LEU B 22 -18.98 -11.97 29.72
N TYR B 23 -18.66 -12.28 30.97
CA TYR B 23 -18.77 -11.27 32.03
C TYR B 23 -17.82 -10.08 31.84
N PRO B 24 -16.52 -10.33 31.54
CA PRO B 24 -15.62 -9.19 31.35
C PRO B 24 -16.11 -8.27 30.20
N SER B 25 -16.67 -8.87 29.15
CA SER B 25 -17.19 -8.12 28.01
C SER B 25 -18.35 -7.23 28.38
N VAL B 26 -19.33 -7.78 29.10
CA VAL B 26 -20.49 -7.02 29.53
C VAL B 26 -19.98 -5.85 30.39
N PHE B 27 -18.97 -6.12 31.20
CA PHE B 27 -18.38 -5.10 32.05
C PHE B 27 -17.83 -3.95 31.22
N ASN B 28 -17.16 -4.29 30.12
CA ASN B 28 -16.59 -3.27 29.26
C ASN B 28 -17.70 -2.36 28.71
N LEU B 29 -18.84 -2.97 28.39
CA LEU B 29 -20.00 -2.23 27.88
C LEU B 29 -20.53 -1.28 28.94
N TYR B 30 -20.37 -1.67 30.20
CA TYR B 30 -20.80 -0.87 31.34
C TYR B 30 -19.83 0.31 31.52
N LYS B 31 -18.53 0.01 31.58
CA LYS B 31 -17.50 1.03 31.76
C LYS B 31 -17.57 2.10 30.68
N LYS B 32 -17.76 1.67 29.44
CA LYS B 32 -17.85 2.60 28.31
C LYS B 32 -19.13 3.45 28.36
N GLY B 33 -20.00 3.16 29.33
CA GLY B 33 -21.23 3.92 29.48
C GLY B 33 -22.46 3.45 28.75
N TYR B 34 -22.41 2.34 28.03
CA TYR B 34 -23.59 1.85 27.33
C TYR B 34 -24.59 1.28 28.34
N LEU B 35 -24.05 0.58 29.33
CA LEU B 35 -24.85 -0.02 30.39
C LEU B 35 -24.79 0.94 31.57
N GLN B 36 -25.87 1.67 31.81
CA GLN B 36 -25.90 2.63 32.91
C GLN B 36 -26.69 2.19 34.13
N LYS B 37 -28.03 2.21 34.04
CA LYS B 37 -28.85 1.84 35.18
C LYS B 37 -29.96 0.85 34.89
N HIS B 38 -30.66 1.04 33.79
CA HIS B 38 -31.75 0.12 33.44
C HIS B 38 -31.28 -1.18 32.78
N PHE B 39 -30.54 -1.99 33.53
CA PHE B 39 -30.07 -3.25 33.00
C PHE B 39 -29.86 -4.29 34.11
N ALA B 40 -30.02 -5.54 33.73
CA ALA B 40 -29.83 -6.65 34.65
C ALA B 40 -29.27 -7.85 33.92
N ILE B 41 -28.48 -8.63 34.64
CA ILE B 41 -27.89 -9.84 34.10
C ILE B 41 -28.33 -10.95 35.02
N VAL B 42 -29.02 -11.94 34.48
CA VAL B 42 -29.47 -13.08 35.27
C VAL B 42 -28.66 -14.28 34.81
N GLY B 43 -28.00 -14.95 35.75
CA GLY B 43 -27.20 -16.11 35.41
C GLY B 43 -27.91 -17.37 35.84
N THR B 44 -27.59 -18.51 35.23
CA THR B 44 -28.25 -19.75 35.58
C THR B 44 -27.48 -21.00 35.16
N ALA B 45 -27.38 -21.94 36.10
CA ALA B 45 -26.70 -23.23 35.90
C ALA B 45 -27.35 -24.24 36.82
N ARG B 46 -26.85 -25.48 36.83
CA ARG B 46 -27.41 -26.52 37.67
C ARG B 46 -27.07 -26.35 39.14
N GLN B 47 -25.81 -26.03 39.41
CA GLN B 47 -25.32 -25.88 40.79
C GLN B 47 -26.06 -24.82 41.61
N ALA B 48 -26.28 -25.14 42.87
CA ALA B 48 -26.99 -24.23 43.76
C ALA B 48 -26.10 -23.12 44.33
N LEU B 49 -26.04 -21.99 43.63
CA LEU B 49 -25.28 -20.85 44.10
C LEU B 49 -26.31 -19.84 44.59
N ASN B 50 -25.89 -18.95 45.50
CA ASN B 50 -26.75 -17.90 46.02
C ASN B 50 -26.20 -16.57 45.51
N ASP B 51 -27.01 -15.52 45.51
CA ASP B 51 -26.59 -14.21 45.02
C ASP B 51 -25.18 -13.77 45.44
N ASP B 52 -24.84 -13.96 46.71
CA ASP B 52 -23.52 -13.56 47.23
C ASP B 52 -22.34 -14.24 46.52
N GLU B 53 -22.34 -15.57 46.47
CA GLU B 53 -21.25 -16.30 45.83
C GLU B 53 -21.22 -16.14 44.32
N PHE B 54 -22.37 -15.88 43.72
CA PHE B 54 -22.43 -15.68 42.28
C PHE B 54 -21.77 -14.33 41.98
N LYS B 55 -22.21 -13.31 42.71
CA LYS B 55 -21.64 -11.97 42.56
C LYS B 55 -20.15 -12.08 42.80
N GLN B 56 -19.76 -12.91 43.78
CA GLN B 56 -18.36 -13.11 44.08
C GLN B 56 -17.65 -13.72 42.88
N LEU B 57 -18.33 -14.62 42.18
CA LEU B 57 -17.78 -15.27 41.01
C LEU B 57 -17.52 -14.24 39.91
N VAL B 58 -18.45 -13.30 39.74
CA VAL B 58 -18.30 -12.26 38.74
C VAL B 58 -17.12 -11.38 39.14
N ARG B 59 -17.07 -11.01 40.41
CA ARG B 59 -16.00 -10.16 40.92
C ARG B 59 -14.61 -10.72 40.63
N ASP B 60 -14.41 -12.00 40.92
CA ASP B 60 -13.12 -12.65 40.69
C ASP B 60 -12.74 -12.56 39.23
N CYS B 61 -13.76 -12.60 38.38
CA CYS B 61 -13.55 -12.56 36.96
C CYS B 61 -13.35 -11.19 36.28
N ILE B 62 -13.94 -10.13 36.83
CA ILE B 62 -13.74 -8.80 36.25
C ILE B 62 -12.72 -8.04 37.07
N LYS B 63 -12.20 -8.69 38.11
CA LYS B 63 -11.22 -8.12 39.03
C LYS B 63 -10.11 -7.38 38.29
N ASP B 64 -9.44 -8.05 37.37
CA ASP B 64 -8.37 -7.40 36.64
C ASP B 64 -8.80 -6.42 35.54
N PHE B 65 -10.11 -6.24 35.40
CA PHE B 65 -10.65 -5.32 34.41
C PHE B 65 -11.23 -4.09 35.08
N THR B 66 -11.02 -3.97 36.38
CA THR B 66 -11.52 -2.83 37.14
C THR B 66 -10.35 -1.93 37.52
N ASP B 67 -10.57 -0.62 37.42
CA ASP B 67 -9.57 0.37 37.78
C ASP B 67 -10.03 0.86 39.16
N ASP B 68 -11.29 1.26 39.20
CA ASP B 68 -11.95 1.74 40.39
C ASP B 68 -12.80 0.59 40.95
N GLN B 69 -12.52 0.19 42.19
CA GLN B 69 -13.26 -0.90 42.83
C GLN B 69 -14.74 -0.55 42.96
N ALA B 70 -15.04 0.73 43.11
CA ALA B 70 -16.41 1.20 43.26
C ALA B 70 -17.29 0.88 42.04
N GLN B 71 -16.77 1.12 40.84
CA GLN B 71 -17.52 0.84 39.61
C GLN B 71 -17.72 -0.67 39.51
N ALA B 72 -16.75 -1.43 40.02
CA ALA B 72 -16.85 -2.88 40.02
C ALA B 72 -18.11 -3.25 40.80
N GLU B 73 -18.17 -2.81 42.07
CA GLU B 73 -19.30 -3.10 42.96
C GLU B 73 -20.64 -2.63 42.39
N ALA B 74 -20.62 -1.45 41.78
CA ALA B 74 -21.83 -0.87 41.18
C ALA B 74 -22.32 -1.74 40.03
N PHE B 75 -21.39 -2.36 39.31
CA PHE B 75 -21.76 -3.24 38.21
C PHE B 75 -22.39 -4.51 38.79
N ILE B 76 -21.66 -5.14 39.70
CA ILE B 76 -22.04 -6.38 40.37
C ILE B 76 -23.49 -6.39 40.86
N GLU B 77 -23.93 -5.28 41.40
CA GLU B 77 -25.28 -5.16 41.93
C GLU B 77 -26.42 -5.40 40.93
N HIS B 78 -26.10 -5.60 39.64
CA HIS B 78 -27.13 -5.84 38.64
C HIS B 78 -27.31 -7.31 38.27
N PHE B 79 -26.61 -8.18 39.00
CA PHE B 79 -26.65 -9.62 38.76
C PHE B 79 -27.51 -10.38 39.76
N SER B 80 -28.11 -11.46 39.27
CA SER B 80 -28.94 -12.35 40.09
C SER B 80 -28.76 -13.75 39.53
N TYR B 81 -28.86 -14.77 40.38
CA TYR B 81 -28.66 -16.14 39.94
C TYR B 81 -29.74 -17.09 40.38
N ARG B 82 -30.02 -18.10 39.56
CA ARG B 82 -31.01 -19.12 39.90
C ARG B 82 -30.49 -20.45 39.43
N ALA B 83 -30.47 -21.43 40.33
CA ALA B 83 -30.06 -22.77 39.94
C ALA B 83 -31.25 -23.20 39.06
N HIS B 84 -31.01 -23.95 38.01
CA HIS B 84 -32.10 -24.34 37.12
C HIS B 84 -31.67 -25.48 36.22
N ASP B 85 -32.57 -26.43 36.02
CA ASP B 85 -32.31 -27.58 35.15
C ASP B 85 -33.07 -27.37 33.85
N VAL B 86 -32.33 -27.12 32.78
CA VAL B 86 -32.91 -26.88 31.47
C VAL B 86 -33.99 -27.84 31.00
N THR B 87 -33.87 -29.12 31.33
CA THR B 87 -34.87 -30.11 30.91
C THR B 87 -36.18 -30.12 31.68
N ASP B 88 -36.18 -29.58 32.89
CA ASP B 88 -37.38 -29.55 33.70
C ASP B 88 -38.15 -28.26 33.48
N ALA B 89 -39.23 -28.35 32.70
CA ALA B 89 -40.08 -27.20 32.38
C ALA B 89 -40.51 -26.44 33.62
N ALA B 90 -40.76 -27.18 34.70
CA ALA B 90 -41.17 -26.56 35.95
C ALA B 90 -40.22 -25.48 36.46
N SER B 91 -38.92 -25.77 36.53
CA SER B 91 -38.01 -24.77 37.06
C SER B 91 -37.91 -23.49 36.25
N TYR B 92 -38.47 -23.48 35.04
CA TYR B 92 -38.45 -22.27 34.23
C TYR B 92 -39.24 -21.15 34.89
N ALA B 93 -40.18 -21.53 35.75
CA ALA B 93 -40.99 -20.56 36.48
C ALA B 93 -40.11 -19.79 37.46
N VAL B 94 -39.10 -20.47 38.01
CA VAL B 94 -38.16 -19.85 38.96
C VAL B 94 -37.35 -18.82 38.21
N LEU B 95 -36.95 -19.21 37.00
CA LEU B 95 -36.18 -18.36 36.12
C LEU B 95 -37.04 -17.17 35.76
N LYS B 96 -38.22 -17.48 35.22
CA LYS B 96 -39.20 -16.49 34.80
C LYS B 96 -39.44 -15.47 35.89
N GLU B 97 -39.59 -15.95 37.12
CA GLU B 97 -39.82 -15.06 38.24
C GLU B 97 -38.61 -14.17 38.48
N ALA B 98 -37.43 -14.78 38.58
CA ALA B 98 -36.20 -14.02 38.77
C ALA B 98 -36.10 -12.90 37.72
N ILE B 99 -36.34 -13.26 36.46
CA ILE B 99 -36.29 -12.33 35.35
C ILE B 99 -37.18 -11.11 35.61
N GLU B 100 -38.44 -11.38 35.91
CA GLU B 100 -39.40 -10.31 36.18
C GLU B 100 -39.01 -9.44 37.37
N GLU B 101 -38.43 -10.05 38.40
CA GLU B 101 -38.03 -9.29 39.56
C GLU B 101 -36.96 -8.28 39.17
N ALA B 102 -35.88 -8.76 38.55
CA ALA B 102 -34.80 -7.89 38.13
C ALA B 102 -35.32 -6.79 37.20
N ALA B 103 -36.25 -7.15 36.33
CA ALA B 103 -36.83 -6.20 35.40
C ALA B 103 -37.53 -5.04 36.11
N ASP B 104 -38.34 -5.38 37.10
CA ASP B 104 -39.09 -4.38 37.88
C ASP B 104 -38.20 -3.61 38.85
N LYS B 105 -37.15 -4.28 39.35
CA LYS B 105 -36.24 -3.65 40.28
C LYS B 105 -35.38 -2.59 39.58
N PHE B 106 -35.03 -2.85 38.32
CA PHE B 106 -34.21 -1.92 37.55
C PHE B 106 -34.99 -1.15 36.48
N ASP B 107 -36.30 -1.40 36.41
CA ASP B 107 -37.17 -0.70 35.47
C ASP B 107 -36.73 -0.92 34.03
N ILE B 108 -36.78 -2.18 33.59
CA ILE B 108 -36.38 -2.56 32.25
C ILE B 108 -37.67 -3.01 31.56
N ASP B 109 -38.07 -2.30 30.51
CA ASP B 109 -39.30 -2.64 29.81
C ASP B 109 -39.08 -3.59 28.61
N GLY B 110 -39.11 -4.89 28.89
CA GLY B 110 -38.92 -5.88 27.84
C GLY B 110 -37.46 -5.96 27.45
N ASN B 111 -37.19 -6.10 26.15
CA ASN B 111 -35.82 -6.17 25.63
C ASN B 111 -34.96 -7.22 26.31
N ARG B 112 -35.30 -8.48 26.06
CA ARG B 112 -34.58 -9.57 26.67
C ARG B 112 -33.70 -10.33 25.70
N ILE B 113 -32.48 -10.59 26.16
CA ILE B 113 -31.49 -11.32 25.39
C ILE B 113 -31.23 -12.61 26.17
N PHE B 114 -31.31 -13.74 25.49
CA PHE B 114 -31.06 -15.04 26.10
C PHE B 114 -29.81 -15.62 25.48
N TYR B 115 -28.76 -15.71 26.27
CA TYR B 115 -27.50 -16.23 25.78
C TYR B 115 -27.39 -17.68 26.17
N MET B 116 -27.42 -18.57 25.18
CA MET B 116 -27.32 -20.00 25.42
C MET B 116 -25.86 -20.46 25.34
N SER B 117 -25.16 -20.43 26.46
CA SER B 117 -23.77 -20.88 26.50
C SER B 117 -23.67 -22.26 27.18
N VAL B 118 -24.43 -23.22 26.66
CA VAL B 118 -24.46 -24.59 27.18
C VAL B 118 -24.23 -25.58 26.03
N ALA B 119 -24.17 -26.88 26.33
CA ALA B 119 -23.97 -27.89 25.27
C ALA B 119 -25.10 -27.74 24.27
N PRO B 120 -24.81 -27.92 22.97
CA PRO B 120 -25.75 -27.83 21.83
C PRO B 120 -27.05 -28.64 21.99
N ARG B 121 -26.93 -29.86 22.51
CA ARG B 121 -28.08 -30.73 22.72
C ARG B 121 -29.24 -30.02 23.43
N PHE B 122 -28.91 -29.06 24.28
CA PHE B 122 -29.93 -28.35 25.04
C PHE B 122 -30.59 -27.15 24.37
N PHE B 123 -29.99 -26.62 23.32
CA PHE B 123 -30.53 -25.43 22.65
C PHE B 123 -32.00 -25.53 22.25
N GLY B 124 -32.37 -26.59 21.53
CA GLY B 124 -33.75 -26.79 21.12
C GLY B 124 -34.68 -26.70 22.33
N THR B 125 -34.38 -27.51 23.33
CA THR B 125 -35.16 -27.55 24.55
C THR B 125 -35.33 -26.17 25.20
N ILE B 126 -34.23 -25.47 25.44
CA ILE B 126 -34.30 -24.15 26.06
C ILE B 126 -35.21 -23.21 25.28
N ALA B 127 -35.10 -23.26 23.95
CA ALA B 127 -35.89 -22.42 23.08
C ALA B 127 -37.38 -22.66 23.28
N LYS B 128 -37.81 -23.91 23.06
CA LYS B 128 -39.22 -24.29 23.23
C LYS B 128 -39.78 -23.77 24.55
N TYR B 129 -39.10 -24.09 25.65
CA TYR B 129 -39.53 -23.66 26.98
C TYR B 129 -39.52 -22.15 27.18
N LEU B 130 -38.65 -21.43 26.48
CA LEU B 130 -38.62 -19.97 26.60
C LEU B 130 -39.94 -19.38 26.13
N LYS B 131 -40.54 -20.02 25.13
CA LYS B 131 -41.84 -19.60 24.59
C LYS B 131 -42.94 -20.22 25.43
N SER B 132 -42.84 -21.53 25.61
CA SER B 132 -43.77 -22.35 26.39
C SER B 132 -44.03 -21.76 27.79
N GLU B 133 -43.00 -21.71 28.64
CA GLU B 133 -43.11 -21.19 30.00
C GLU B 133 -43.18 -19.65 30.11
N GLY B 134 -43.57 -19.02 29.02
CA GLY B 134 -43.70 -17.57 28.98
C GLY B 134 -42.59 -16.72 29.55
N LEU B 135 -41.35 -16.96 29.13
CA LEU B 135 -40.21 -16.16 29.61
C LEU B 135 -39.96 -15.00 28.64
N LEU B 136 -40.53 -15.09 27.45
CA LEU B 136 -40.37 -14.05 26.44
C LEU B 136 -41.10 -12.76 26.84
N ALA B 137 -40.39 -11.64 26.82
CA ALA B 137 -40.94 -10.33 27.18
C ALA B 137 -42.18 -9.91 26.37
N ASP B 138 -43.02 -9.09 27.01
CA ASP B 138 -44.25 -8.59 26.38
C ASP B 138 -43.91 -7.48 25.36
N THR B 139 -43.31 -6.39 25.84
CA THR B 139 -42.91 -5.28 24.99
C THR B 139 -41.41 -5.41 24.67
N GLY B 140 -40.94 -4.61 23.70
CA GLY B 140 -39.53 -4.66 23.32
C GLY B 140 -39.20 -5.88 22.48
N TYR B 141 -37.91 -6.19 22.38
CA TYR B 141 -37.47 -7.35 21.61
C TYR B 141 -37.13 -8.55 22.49
N ASN B 142 -36.97 -9.70 21.84
CA ASN B 142 -36.59 -10.96 22.48
C ASN B 142 -35.57 -11.53 21.50
N ARG B 143 -34.34 -11.70 21.94
CA ARG B 143 -33.29 -12.23 21.04
C ARG B 143 -32.48 -13.36 21.66
N LEU B 144 -32.13 -14.33 20.81
CA LEU B 144 -31.34 -15.51 21.20
C LEU B 144 -29.91 -15.48 20.65
N MET B 145 -28.92 -15.64 21.52
CA MET B 145 -27.53 -15.67 21.10
C MET B 145 -27.11 -17.10 21.25
N ILE B 146 -27.07 -17.81 20.13
CA ILE B 146 -26.71 -19.22 20.11
C ILE B 146 -25.21 -19.40 19.95
N GLU B 147 -24.57 -19.94 20.97
CA GLU B 147 -23.13 -20.13 20.92
C GLU B 147 -22.66 -21.09 19.83
N LYS B 148 -23.24 -22.29 19.73
CA LYS B 148 -22.78 -23.23 18.71
C LYS B 148 -23.81 -23.56 17.63
N PRO B 149 -24.17 -22.58 16.79
CA PRO B 149 -25.16 -22.73 15.72
C PRO B 149 -25.03 -23.97 14.82
N PHE B 150 -23.82 -24.45 14.60
CA PHE B 150 -23.62 -25.61 13.75
C PHE B 150 -24.07 -26.91 14.40
N GLY B 151 -24.10 -26.93 15.73
CA GLY B 151 -24.47 -28.15 16.42
C GLY B 151 -23.38 -29.18 16.18
N THR B 152 -23.74 -30.45 16.30
CA THR B 152 -22.77 -31.51 16.12
C THR B 152 -22.91 -32.27 14.81
N SER B 153 -23.91 -31.91 14.02
CA SER B 153 -24.16 -32.58 12.75
C SER B 153 -25.25 -31.84 12.00
N TYR B 154 -25.24 -31.98 10.67
CA TYR B 154 -26.23 -31.34 9.82
C TYR B 154 -27.66 -31.59 10.32
N ASP B 155 -27.96 -32.85 10.64
CA ASP B 155 -29.28 -33.25 11.15
C ASP B 155 -29.75 -32.47 12.36
N THR B 156 -28.95 -32.48 13.43
CA THR B 156 -29.31 -31.76 14.64
C THR B 156 -29.36 -30.28 14.35
N ALA B 157 -28.43 -29.82 13.50
CA ALA B 157 -28.36 -28.41 13.11
C ALA B 157 -29.68 -28.02 12.46
N ALA B 158 -30.13 -28.81 11.49
CA ALA B 158 -31.39 -28.56 10.78
C ALA B 158 -32.57 -28.61 11.75
N GLU B 159 -32.54 -29.60 12.63
CA GLU B 159 -33.57 -29.77 13.64
C GLU B 159 -33.70 -28.51 14.49
N LEU B 160 -32.58 -28.02 15.02
CA LEU B 160 -32.57 -26.82 15.85
C LEU B 160 -33.15 -25.66 15.05
N GLN B 161 -32.75 -25.55 13.79
CA GLN B 161 -33.27 -24.49 12.93
C GLN B 161 -34.80 -24.56 12.90
N ASN B 162 -35.32 -25.78 12.76
CA ASN B 162 -36.76 -26.03 12.71
C ASN B 162 -37.44 -25.49 13.97
N ASP B 163 -36.92 -25.88 15.12
CA ASP B 163 -37.48 -25.42 16.38
C ASP B 163 -37.49 -23.88 16.45
N LEU B 164 -36.36 -23.29 16.10
CA LEU B 164 -36.20 -21.84 16.18
C LEU B 164 -37.13 -20.99 15.29
N GLU B 165 -37.37 -21.42 14.05
CA GLU B 165 -38.24 -20.62 13.20
C GLU B 165 -39.72 -20.83 13.50
N ASN B 166 -40.03 -21.90 14.24
CA ASN B 166 -41.41 -22.19 14.61
C ASN B 166 -41.79 -21.52 15.94
N ALA B 167 -40.79 -20.95 16.61
CA ALA B 167 -41.02 -20.28 17.89
C ALA B 167 -40.54 -18.83 17.88
N PHE B 168 -39.52 -18.56 17.07
CA PHE B 168 -38.94 -17.23 16.97
C PHE B 168 -38.95 -16.73 15.54
N ASP B 169 -38.78 -15.42 15.42
CA ASP B 169 -38.73 -14.76 14.13
C ASP B 169 -37.25 -14.72 13.82
N ASP B 170 -36.88 -14.92 12.55
CA ASP B 170 -35.46 -14.95 12.21
C ASP B 170 -34.60 -13.75 12.60
N ASN B 171 -35.17 -12.56 12.57
CA ASN B 171 -34.41 -11.36 12.94
C ASN B 171 -34.11 -11.29 14.45
N GLN B 172 -34.52 -12.33 15.18
CA GLN B 172 -34.29 -12.44 16.62
C GLN B 172 -33.21 -13.46 16.91
N LEU B 173 -32.75 -14.15 15.86
CA LEU B 173 -31.73 -15.19 16.02
C LEU B 173 -30.32 -14.66 15.77
N PHE B 174 -29.41 -14.90 16.71
CA PHE B 174 -28.03 -14.47 16.55
C PHE B 174 -27.09 -15.64 16.72
N ARG B 175 -26.79 -16.27 15.58
CA ARG B 175 -25.91 -17.44 15.49
C ARG B 175 -24.47 -16.93 15.57
N ILE B 176 -23.79 -17.28 16.64
CA ILE B 176 -22.42 -16.85 16.92
C ILE B 176 -21.29 -17.66 16.26
N ASP B 177 -20.19 -16.94 15.99
CA ASP B 177 -18.92 -17.46 15.47
C ASP B 177 -18.01 -16.31 15.85
N HIS B 178 -17.23 -16.47 16.93
CA HIS B 178 -16.38 -15.37 17.40
C HIS B 178 -15.41 -14.74 16.43
N TYR B 179 -15.03 -15.47 15.39
CA TYR B 179 -14.13 -14.94 14.36
C TYR B 179 -14.76 -13.77 13.60
N LEU B 180 -16.07 -13.79 13.42
CA LEU B 180 -16.78 -12.70 12.76
C LEU B 180 -16.68 -11.44 13.62
N GLY B 181 -16.39 -11.64 14.90
CA GLY B 181 -16.30 -10.53 15.83
C GLY B 181 -14.92 -9.90 15.92
N LYS B 182 -13.93 -10.52 15.25
CA LYS B 182 -12.57 -9.99 15.26
C LYS B 182 -12.51 -8.72 14.41
N GLU B 183 -11.97 -7.67 15.01
CA GLU B 183 -11.86 -6.36 14.38
C GLU B 183 -11.33 -6.39 12.94
N MET B 184 -10.25 -7.14 12.70
CA MET B 184 -9.67 -7.23 11.37
C MET B 184 -10.56 -7.95 10.34
N VAL B 185 -11.39 -8.90 10.78
CA VAL B 185 -12.27 -9.57 9.81
C VAL B 185 -13.29 -8.55 9.31
N GLN B 186 -13.66 -7.62 10.18
CA GLN B 186 -14.63 -6.60 9.80
C GLN B 186 -14.06 -5.49 8.92
N ASN B 187 -12.75 -5.51 8.72
CA ASN B 187 -12.09 -4.52 7.88
C ASN B 187 -12.14 -4.90 6.44
N ILE B 188 -12.30 -6.19 6.18
CA ILE B 188 -12.34 -6.69 4.81
C ILE B 188 -13.29 -5.94 3.87
N ALA B 189 -14.55 -5.80 4.26
CA ALA B 189 -15.52 -5.09 3.43
C ALA B 189 -15.14 -3.61 3.24
N ALA B 190 -14.61 -3.00 4.30
CA ALA B 190 -14.20 -1.61 4.28
C ALA B 190 -13.05 -1.44 3.23
N LEU B 191 -12.07 -2.32 3.27
CA LEU B 191 -10.97 -2.28 2.32
C LEU B 191 -11.48 -2.43 0.88
N ARG B 192 -12.28 -3.46 0.67
CA ARG B 192 -12.79 -3.74 -0.67
C ARG B 192 -13.73 -2.70 -1.23
N PHE B 193 -14.86 -2.52 -0.57
CA PHE B 193 -15.86 -1.57 -1.04
C PHE B 193 -15.49 -0.12 -0.80
N GLY B 194 -14.62 0.14 0.16
CA GLY B 194 -14.23 1.51 0.42
C GLY B 194 -13.16 2.09 -0.52
N ASN B 195 -12.56 1.24 -1.37
CA ASN B 195 -11.48 1.67 -2.27
C ASN B 195 -11.71 1.20 -3.69
N PRO B 196 -12.11 2.12 -4.59
CA PRO B 196 -12.37 1.76 -5.98
C PRO B 196 -11.31 0.91 -6.66
N ILE B 197 -10.04 1.22 -6.44
CA ILE B 197 -8.96 0.45 -7.05
C ILE B 197 -9.02 -1.01 -6.64
N PHE B 198 -9.51 -1.30 -5.44
CA PHE B 198 -9.62 -2.69 -4.99
C PHE B 198 -11.01 -3.27 -5.33
N ASP B 199 -12.04 -2.46 -5.15
CA ASP B 199 -13.39 -2.85 -5.47
C ASP B 199 -13.43 -3.31 -6.94
N ALA B 200 -12.84 -2.52 -7.83
CA ALA B 200 -12.81 -2.84 -9.26
C ALA B 200 -11.94 -4.03 -9.66
N ALA B 201 -11.02 -4.46 -8.80
CA ALA B 201 -10.16 -5.59 -9.16
C ALA B 201 -10.56 -6.85 -8.39
N TRP B 202 -11.62 -6.78 -7.61
CA TRP B 202 -12.04 -7.92 -6.80
C TRP B 202 -12.82 -8.94 -7.63
N ASN B 203 -12.13 -9.58 -8.56
CA ASN B 203 -12.76 -10.56 -9.46
C ASN B 203 -11.68 -11.27 -10.25
N LYS B 204 -12.14 -12.14 -11.15
CA LYS B 204 -11.24 -12.95 -11.98
C LYS B 204 -10.35 -12.25 -13.03
N ASP B 205 -10.64 -11.02 -13.39
CA ASP B 205 -9.78 -10.32 -14.34
C ASP B 205 -8.46 -9.92 -13.69
N TYR B 206 -8.45 -9.80 -12.35
CA TYR B 206 -7.24 -9.38 -11.65
C TYR B 206 -6.70 -10.36 -10.62
N ILE B 207 -7.59 -11.14 -10.01
CA ILE B 207 -7.20 -12.08 -8.97
C ILE B 207 -6.79 -13.45 -9.50
N LYS B 208 -5.64 -13.94 -9.05
CA LYS B 208 -5.10 -15.24 -9.46
C LYS B 208 -5.66 -16.31 -8.50
N ASN B 209 -5.66 -16.02 -7.20
CA ASN B 209 -6.17 -16.97 -6.21
C ASN B 209 -6.22 -16.24 -4.87
N VAL B 210 -6.99 -16.80 -3.93
CA VAL B 210 -7.18 -16.24 -2.60
C VAL B 210 -6.77 -17.34 -1.62
N GLN B 211 -6.00 -16.99 -0.59
CA GLN B 211 -5.56 -17.97 0.40
C GLN B 211 -6.01 -17.60 1.81
N VAL B 212 -6.53 -18.58 2.56
CA VAL B 212 -6.96 -18.30 3.94
C VAL B 212 -6.24 -19.29 4.82
N THR B 213 -5.49 -18.77 5.79
CA THR B 213 -4.71 -19.61 6.69
C THR B 213 -5.07 -19.39 8.15
N LEU B 214 -5.31 -20.48 8.87
CA LEU B 214 -5.62 -20.43 10.29
C LEU B 214 -4.68 -21.47 10.87
N SER B 215 -3.50 -21.04 11.28
CA SER B 215 -2.51 -21.97 11.78
C SER B 215 -2.28 -21.80 13.26
N GLU B 216 -1.92 -22.89 13.90
CA GLU B 216 -1.66 -22.90 15.31
C GLU B 216 -0.39 -23.68 15.57
N VAL B 217 0.34 -23.30 16.61
CA VAL B 217 1.56 -24.00 16.99
C VAL B 217 1.27 -25.13 18.00
N LEU B 218 0.21 -24.98 18.81
CA LEU B 218 -0.17 -25.99 19.80
C LEU B 218 -0.68 -27.31 19.22
N GLY B 219 -0.55 -28.37 20.02
CA GLY B 219 -1.03 -29.67 19.64
C GLY B 219 -2.45 -29.85 20.22
N VAL B 220 -2.90 -31.09 20.33
CA VAL B 220 -4.22 -31.38 20.89
C VAL B 220 -4.36 -31.01 22.37
N GLU B 221 -3.23 -30.95 23.08
CA GLU B 221 -3.18 -30.60 24.50
C GLU B 221 -4.04 -31.56 25.33
N GLU B 222 -5.01 -31.03 26.07
CA GLU B 222 -5.87 -31.84 26.94
C GLU B 222 -7.32 -31.96 26.47
N ARG B 223 -7.53 -31.80 25.16
CA ARG B 223 -8.86 -31.87 24.59
C ARG B 223 -9.04 -33.01 23.60
N ALA B 224 -8.24 -34.06 23.77
CA ALA B 224 -8.31 -35.23 22.89
C ALA B 224 -9.74 -35.77 22.86
N GLY B 225 -10.40 -35.74 24.02
CA GLY B 225 -11.77 -36.20 24.13
C GLY B 225 -12.69 -35.59 23.08
N TYR B 226 -12.64 -34.28 22.92
CA TYR B 226 -13.47 -33.60 21.93
C TYR B 226 -12.83 -33.61 20.53
N TYR B 227 -11.55 -33.27 20.46
CA TYR B 227 -10.84 -33.16 19.19
C TYR B 227 -10.73 -34.41 18.33
N ASP B 228 -10.52 -35.56 18.96
CA ASP B 228 -10.35 -36.80 18.20
C ASP B 228 -11.46 -37.16 17.21
N THR B 229 -12.66 -36.67 17.46
CA THR B 229 -13.76 -36.96 16.54
C THR B 229 -14.10 -35.73 15.71
N ALA B 230 -13.70 -34.54 16.17
CA ALA B 230 -13.98 -33.33 15.40
C ALA B 230 -12.93 -33.09 14.32
N GLY B 231 -11.66 -33.01 14.75
CA GLY B 231 -10.57 -32.74 13.83
C GLY B 231 -10.58 -31.31 13.31
N ALA B 232 -9.56 -30.94 12.55
CA ALA B 232 -9.50 -29.57 12.01
C ALA B 232 -10.69 -29.30 11.12
N LEU B 233 -11.15 -30.34 10.40
CA LEU B 233 -12.30 -30.19 9.50
C LEU B 233 -13.51 -29.57 10.17
N LEU B 234 -13.89 -30.10 11.34
CA LEU B 234 -15.06 -29.55 12.02
C LEU B 234 -14.70 -28.45 13.00
N ASP B 235 -13.51 -28.56 13.58
CA ASP B 235 -13.10 -27.57 14.56
C ASP B 235 -12.72 -26.20 13.99
N MET B 236 -12.16 -26.17 12.79
CA MET B 236 -11.71 -24.89 12.22
C MET B 236 -12.22 -24.55 10.84
N ILE B 237 -12.28 -25.56 9.98
CA ILE B 237 -12.72 -25.36 8.61
C ILE B 237 -14.21 -25.07 8.45
N GLN B 238 -15.04 -25.97 8.93
CA GLN B 238 -16.48 -25.82 8.79
C GLN B 238 -17.01 -24.48 9.27
N ASN B 239 -16.49 -24.02 10.40
CA ASN B 239 -16.98 -22.77 10.95
C ASN B 239 -16.23 -21.47 10.67
N HIS B 240 -15.09 -21.27 11.34
CA HIS B 240 -14.31 -20.03 11.22
C HIS B 240 -13.81 -19.74 9.84
N THR B 241 -13.22 -20.75 9.21
CA THR B 241 -12.71 -20.56 7.87
C THR B 241 -13.83 -20.19 6.91
N MET B 242 -14.92 -20.95 6.92
CA MET B 242 -16.03 -20.67 6.03
C MET B 242 -16.59 -19.27 6.20
N GLN B 243 -16.68 -18.80 7.42
CA GLN B 243 -17.24 -17.47 7.61
C GLN B 243 -16.33 -16.40 7.01
N ILE B 244 -15.02 -16.63 7.06
CA ILE B 244 -14.07 -15.67 6.48
C ILE B 244 -14.19 -15.71 4.95
N VAL B 245 -14.29 -16.90 4.38
CA VAL B 245 -14.45 -17.04 2.94
C VAL B 245 -15.66 -16.25 2.52
N GLY B 246 -16.74 -16.34 3.32
CA GLY B 246 -17.96 -15.61 3.03
C GLY B 246 -17.77 -14.11 2.80
N TRP B 247 -17.02 -13.46 3.69
CA TRP B 247 -16.75 -12.02 3.54
C TRP B 247 -15.95 -11.76 2.26
N LEU B 248 -15.04 -12.69 1.92
CA LEU B 248 -14.19 -12.54 0.76
C LEU B 248 -14.89 -12.76 -0.57
N ALA B 249 -15.66 -13.85 -0.68
CA ALA B 249 -16.31 -14.20 -1.92
C ALA B 249 -17.64 -13.53 -2.21
N MET B 250 -18.20 -12.82 -1.23
CA MET B 250 -19.51 -12.21 -1.43
C MET B 250 -19.58 -11.31 -2.64
N GLU B 251 -20.79 -11.15 -3.17
CA GLU B 251 -21.00 -10.26 -4.29
C GLU B 251 -21.06 -8.86 -3.68
N LYS B 252 -21.06 -7.84 -4.53
CA LYS B 252 -21.18 -6.47 -4.04
C LYS B 252 -22.64 -6.29 -3.62
N PRO B 253 -22.90 -5.96 -2.35
CA PRO B 253 -24.29 -5.79 -1.95
C PRO B 253 -24.89 -4.51 -2.46
N GLU B 254 -26.21 -4.47 -2.44
CA GLU B 254 -26.99 -3.32 -2.87
C GLU B 254 -26.74 -2.14 -1.91
N SER B 255 -26.57 -2.44 -0.64
CA SER B 255 -26.27 -1.44 0.36
C SER B 255 -25.57 -2.21 1.47
N PHE B 256 -25.14 -1.50 2.52
CA PHE B 256 -24.46 -2.14 3.62
C PHE B 256 -25.38 -2.47 4.80
N THR B 257 -26.58 -2.94 4.51
CA THR B 257 -27.52 -3.31 5.56
C THR B 257 -27.38 -4.82 5.67
N ASP B 258 -27.53 -5.37 6.87
CA ASP B 258 -27.37 -6.81 7.03
C ASP B 258 -28.19 -7.68 6.07
N LYS B 259 -29.34 -7.18 5.65
CA LYS B 259 -30.17 -7.94 4.72
C LYS B 259 -29.45 -8.08 3.36
N ASP B 260 -28.95 -6.97 2.82
CA ASP B 260 -28.26 -7.02 1.53
C ASP B 260 -26.92 -7.75 1.62
N ILE B 261 -26.26 -7.61 2.76
CA ILE B 261 -24.99 -8.27 3.02
C ILE B 261 -25.22 -9.79 2.96
N ARG B 262 -26.28 -10.26 3.65
CA ARG B 262 -26.62 -11.69 3.68
C ARG B 262 -26.93 -12.18 2.29
N ALA B 263 -27.71 -11.41 1.55
CA ALA B 263 -28.03 -11.82 0.19
C ALA B 263 -26.74 -11.94 -0.62
N ALA B 264 -25.85 -10.94 -0.51
CA ALA B 264 -24.56 -10.95 -1.22
C ALA B 264 -23.73 -12.16 -0.81
N LYS B 265 -23.70 -12.45 0.48
CA LYS B 265 -22.95 -13.60 0.93
C LYS B 265 -23.57 -14.88 0.39
N ASN B 266 -24.90 -15.00 0.52
CA ASN B 266 -25.60 -16.20 0.06
C ASN B 266 -25.45 -16.48 -1.43
N ALA B 267 -25.30 -15.42 -2.24
CA ALA B 267 -25.10 -15.62 -3.67
C ALA B 267 -23.80 -16.42 -3.87
N ALA B 268 -22.82 -16.21 -2.99
CA ALA B 268 -21.56 -16.93 -3.09
C ALA B 268 -21.71 -18.37 -2.52
N PHE B 269 -22.29 -18.49 -1.33
CA PHE B 269 -22.50 -19.80 -0.70
C PHE B 269 -23.30 -20.76 -1.58
N ASN B 270 -24.38 -20.29 -2.21
CA ASN B 270 -25.18 -21.16 -3.07
C ASN B 270 -24.44 -21.53 -4.34
N ALA B 271 -23.35 -20.80 -4.63
CA ALA B 271 -22.55 -21.06 -5.82
C ALA B 271 -21.35 -21.95 -5.51
N LEU B 272 -21.13 -22.23 -4.23
CA LEU B 272 -20.04 -23.11 -3.81
C LEU B 272 -20.21 -24.54 -4.33
N LYS B 273 -19.19 -25.08 -4.97
CA LYS B 273 -19.20 -26.44 -5.50
C LYS B 273 -19.13 -27.47 -4.36
N ILE B 274 -20.05 -28.43 -4.32
CA ILE B 274 -20.01 -29.45 -3.28
C ILE B 274 -19.39 -30.64 -4.01
N TYR B 275 -18.38 -31.24 -3.41
CA TYR B 275 -17.64 -32.31 -4.05
C TYR B 275 -18.12 -33.73 -3.92
N ASP B 276 -17.95 -34.50 -5.01
CA ASP B 276 -18.25 -35.92 -4.99
C ASP B 276 -16.97 -36.59 -4.46
N GLU B 277 -16.94 -37.91 -4.45
CA GLU B 277 -15.80 -38.65 -3.92
C GLU B 277 -14.47 -38.40 -4.65
N ALA B 278 -14.48 -38.43 -5.97
CA ALA B 278 -13.26 -38.22 -6.73
C ALA B 278 -12.67 -36.82 -6.44
N GLU B 279 -13.55 -35.82 -6.44
CA GLU B 279 -13.17 -34.44 -6.21
C GLU B 279 -12.57 -34.14 -4.83
N VAL B 280 -13.05 -34.86 -3.80
CA VAL B 280 -12.49 -34.66 -2.47
C VAL B 280 -11.05 -35.15 -2.55
N ASN B 281 -10.83 -36.25 -3.24
CA ASN B 281 -9.48 -36.77 -3.37
C ASN B 281 -8.61 -35.83 -4.18
N LYS B 282 -9.21 -35.12 -5.10
CA LYS B 282 -8.44 -34.21 -5.93
C LYS B 282 -8.15 -32.86 -5.29
N TYR B 283 -9.14 -32.32 -4.56
CA TYR B 283 -8.98 -31.00 -4.00
C TYR B 283 -8.77 -30.81 -2.52
N PHE B 284 -8.79 -31.87 -1.73
CA PHE B 284 -8.58 -31.71 -0.29
C PHE B 284 -7.47 -32.58 0.20
N VAL B 285 -6.85 -32.17 1.30
CA VAL B 285 -5.77 -32.92 1.90
C VAL B 285 -6.05 -32.95 3.38
N ARG B 286 -5.93 -34.14 3.98
CA ARG B 286 -6.13 -34.30 5.42
C ARG B 286 -4.77 -34.85 5.91
N ALA B 287 -4.35 -34.46 7.10
CA ALA B 287 -3.07 -34.92 7.59
C ALA B 287 -3.11 -34.98 9.12
N GLN B 288 -2.12 -35.63 9.72
CA GLN B 288 -2.07 -35.74 11.18
C GLN B 288 -0.63 -35.44 11.53
N TYR B 289 -0.39 -34.70 12.61
CA TYR B 289 0.99 -34.36 12.93
C TYR B 289 1.86 -35.45 13.55
N GLY B 290 3.09 -35.49 13.05
CA GLY B 290 4.10 -36.42 13.52
C GLY B 290 4.99 -35.70 14.52
N ALA B 291 6.12 -36.30 14.87
CA ALA B 291 7.03 -35.67 15.83
C ALA B 291 7.71 -34.41 15.24
N GLY B 292 8.10 -33.50 16.12
CA GLY B 292 8.79 -32.30 15.70
C GLY B 292 10.29 -32.54 15.87
N ASP B 293 11.12 -31.54 15.57
CA ASP B 293 12.57 -31.70 15.71
C ASP B 293 12.95 -31.71 17.19
N SER B 294 12.29 -30.84 17.96
CA SER B 294 12.54 -30.75 19.38
C SER B 294 12.03 -31.99 20.12
N ALA B 295 12.34 -32.09 21.40
CA ALA B 295 11.97 -33.25 22.18
C ALA B 295 10.48 -33.50 22.45
N ASP B 296 9.89 -32.64 23.26
CA ASP B 296 8.49 -32.80 23.65
C ASP B 296 7.44 -32.55 22.56
N PHE B 297 7.86 -32.50 21.31
CA PHE B 297 6.88 -32.34 20.25
C PHE B 297 6.60 -33.72 19.69
N LYS B 298 5.89 -34.52 20.47
CA LYS B 298 5.59 -35.89 20.08
C LYS B 298 4.47 -36.05 19.03
N PRO B 299 4.48 -37.19 18.30
CA PRO B 299 3.46 -37.45 17.27
C PRO B 299 2.06 -37.47 17.91
N TYR B 300 1.05 -37.11 17.14
CA TYR B 300 -0.33 -37.11 17.61
C TYR B 300 -0.71 -38.47 18.24
N LEU B 301 -0.33 -39.58 17.60
CA LEU B 301 -0.65 -40.92 18.12
C LEU B 301 0.05 -41.25 19.43
N GLU B 302 0.81 -40.30 19.96
CA GLU B 302 1.49 -40.55 21.20
C GLU B 302 1.05 -39.62 22.30
N GLU B 303 0.10 -38.74 21.99
CA GLU B 303 -0.45 -37.84 23.00
C GLU B 303 -1.18 -38.74 24.01
N LEU B 304 -1.13 -38.36 25.28
CA LEU B 304 -1.69 -39.16 26.37
C LEU B 304 -3.01 -39.89 26.10
N ASP B 305 -3.99 -39.14 25.63
CA ASP B 305 -5.32 -39.67 25.41
C ASP B 305 -5.77 -39.96 23.98
N VAL B 306 -4.84 -40.21 23.08
CA VAL B 306 -5.26 -40.49 21.72
C VAL B 306 -5.25 -42.00 21.48
N PRO B 307 -6.37 -42.57 21.01
CA PRO B 307 -6.44 -44.01 20.76
C PRO B 307 -5.49 -44.41 19.65
N ALA B 308 -4.91 -45.59 19.79
CA ALA B 308 -3.95 -46.15 18.84
C ALA B 308 -4.36 -46.12 17.36
N ASP B 309 -5.62 -46.38 17.13
CA ASP B 309 -6.15 -46.45 15.77
C ASP B 309 -6.57 -45.10 15.17
N SER B 310 -6.48 -44.03 15.96
CA SER B 310 -6.94 -42.75 15.49
C SER B 310 -6.51 -42.35 14.11
N LYS B 311 -7.51 -41.98 13.31
CA LYS B 311 -7.30 -41.55 11.93
C LYS B 311 -7.75 -40.08 11.79
N ASN B 312 -7.93 -39.43 12.94
CA ASN B 312 -8.38 -38.04 13.01
C ASN B 312 -7.46 -37.10 12.25
N ASN B 313 -8.01 -36.04 11.70
CA ASN B 313 -7.19 -35.07 10.98
C ASN B 313 -6.88 -33.88 11.88
N THR B 314 -5.60 -33.54 12.00
CA THR B 314 -5.19 -32.39 12.80
C THR B 314 -4.80 -31.27 11.84
N PHE B 315 -5.12 -31.47 10.55
CA PHE B 315 -4.78 -30.50 9.52
C PHE B 315 -5.60 -30.78 8.25
N ILE B 316 -6.09 -29.71 7.65
CA ILE B 316 -6.84 -29.78 6.42
C ILE B 316 -6.37 -28.64 5.50
N ALA B 317 -6.23 -28.96 4.23
CA ALA B 317 -5.91 -27.96 3.21
C ALA B 317 -6.79 -28.36 2.04
N GLY B 318 -7.39 -27.38 1.38
CA GLY B 318 -8.23 -27.70 0.25
C GLY B 318 -8.52 -26.49 -0.62
N GLU B 319 -9.07 -26.79 -1.79
CA GLU B 319 -9.44 -25.79 -2.78
C GLU B 319 -10.97 -25.67 -2.88
N LEU B 320 -11.48 -24.45 -2.82
CA LEU B 320 -12.91 -24.20 -2.93
C LEU B 320 -13.11 -23.54 -4.29
N GLN B 321 -14.28 -23.77 -4.88
CA GLN B 321 -14.60 -23.20 -6.18
C GLN B 321 -16.01 -22.65 -6.17
N PHE B 322 -16.16 -21.40 -6.61
CA PHE B 322 -17.46 -20.75 -6.64
C PHE B 322 -17.89 -20.59 -8.07
N ASP B 323 -19.12 -21.01 -8.35
CA ASP B 323 -19.63 -20.92 -9.69
C ASP B 323 -20.33 -19.60 -9.97
N LEU B 324 -19.65 -18.49 -9.69
CA LEU B 324 -20.21 -17.17 -9.95
C LEU B 324 -19.38 -16.55 -11.06
N PRO B 325 -19.97 -15.69 -11.90
CA PRO B 325 -19.15 -15.09 -12.96
C PRO B 325 -17.88 -14.37 -12.46
N ARG B 326 -17.93 -13.65 -11.34
CA ARG B 326 -16.71 -12.97 -10.89
C ARG B 326 -15.60 -13.88 -10.40
N TRP B 327 -15.94 -15.10 -10.00
CA TRP B 327 -14.97 -16.04 -9.49
C TRP B 327 -14.62 -17.18 -10.42
N GLU B 328 -15.11 -17.13 -11.65
CA GLU B 328 -14.83 -18.19 -12.62
C GLU B 328 -13.34 -18.42 -12.78
N GLY B 329 -12.90 -19.61 -12.42
CA GLY B 329 -11.50 -19.96 -12.56
C GLY B 329 -10.54 -19.56 -11.45
N VAL B 330 -10.99 -18.86 -10.42
CA VAL B 330 -10.07 -18.50 -9.37
C VAL B 330 -10.25 -19.40 -8.16
N PRO B 331 -9.22 -20.21 -7.83
CA PRO B 331 -9.41 -21.07 -6.66
C PRO B 331 -9.22 -20.35 -5.35
N PHE B 332 -9.97 -20.78 -4.34
CA PHE B 332 -9.87 -20.25 -2.99
C PHE B 332 -9.17 -21.38 -2.23
N TYR B 333 -7.96 -21.13 -1.75
CA TYR B 333 -7.22 -22.14 -1.01
C TYR B 333 -7.36 -21.87 0.43
N VAL B 334 -7.70 -22.92 1.16
CA VAL B 334 -7.91 -22.83 2.58
C VAL B 334 -7.04 -23.85 3.32
N ARG B 335 -6.52 -23.47 4.47
CA ARG B 335 -5.73 -24.40 5.27
C ARG B 335 -5.81 -24.04 6.74
N SER B 336 -5.88 -25.07 7.58
CA SER B 336 -5.94 -24.90 9.03
C SER B 336 -5.38 -26.16 9.66
N GLY B 337 -4.64 -25.99 10.75
CA GLY B 337 -4.05 -27.15 11.40
C GLY B 337 -3.33 -26.83 12.70
N LYS B 338 -3.01 -27.89 13.44
CA LYS B 338 -2.30 -27.75 14.71
C LYS B 338 -0.85 -28.12 14.51
N ARG B 339 0.00 -27.71 15.44
CA ARG B 339 1.42 -28.00 15.34
C ARG B 339 2.04 -27.52 14.03
N LEU B 340 1.61 -26.36 13.55
CA LEU B 340 2.17 -25.76 12.33
C LEU B 340 3.29 -24.78 12.80
N ALA B 341 3.97 -24.08 11.89
CA ALA B 341 5.08 -23.18 12.24
C ALA B 341 4.80 -21.98 13.15
N ALA B 342 3.60 -21.41 13.06
CA ALA B 342 3.27 -20.22 13.84
C ALA B 342 1.77 -20.04 14.01
N LYS B 343 1.38 -19.25 15.00
CA LYS B 343 -0.02 -18.98 15.27
C LYS B 343 -0.36 -17.84 14.33
N GLN B 344 -1.36 -18.04 13.48
CA GLN B 344 -1.70 -17.01 12.53
C GLN B 344 -3.05 -17.22 11.82
N THR B 345 -3.81 -16.15 11.68
CA THR B 345 -5.10 -16.15 10.99
C THR B 345 -4.90 -15.04 9.94
N ARG B 346 -4.92 -15.39 8.66
CA ARG B 346 -4.70 -14.37 7.64
C ARG B 346 -5.27 -14.74 6.31
N VAL B 347 -5.44 -13.70 5.50
CA VAL B 347 -5.93 -13.80 4.14
C VAL B 347 -4.86 -13.20 3.20
N ASP B 348 -4.56 -13.90 2.11
CA ASP B 348 -3.58 -13.44 1.12
C ASP B 348 -4.30 -13.47 -0.22
N ILE B 349 -4.42 -12.33 -0.87
CA ILE B 349 -5.07 -12.28 -2.16
C ILE B 349 -3.96 -12.08 -3.18
N VAL B 350 -3.75 -13.09 -4.02
CA VAL B 350 -2.71 -13.06 -5.03
C VAL B 350 -3.26 -12.52 -6.34
N PHE B 351 -2.65 -11.44 -6.84
CA PHE B 351 -3.06 -10.81 -8.10
C PHE B 351 -2.28 -11.36 -9.29
N LYS B 352 -2.94 -11.53 -10.44
CA LYS B 352 -2.25 -12.03 -11.64
C LYS B 352 -1.15 -11.04 -11.98
N ALA B 353 0.02 -11.53 -12.40
CA ALA B 353 1.13 -10.65 -12.78
C ALA B 353 0.79 -9.85 -14.06
N GLY B 354 1.37 -8.67 -14.21
CA GLY B 354 1.12 -7.90 -15.42
C GLY B 354 1.85 -8.52 -16.62
N THR B 355 1.46 -8.13 -17.82
CA THR B 355 2.09 -8.68 -19.00
C THR B 355 2.96 -7.67 -19.77
N PHE B 356 3.08 -6.45 -19.24
CA PHE B 356 3.88 -5.40 -19.86
C PHE B 356 5.35 -5.83 -19.93
N ASN B 357 5.96 -5.75 -21.10
CA ASN B 357 7.34 -6.17 -21.24
C ASN B 357 8.30 -4.99 -21.01
N PHE B 358 9.01 -5.06 -19.90
CA PHE B 358 9.97 -4.01 -19.57
C PHE B 358 11.29 -4.27 -20.25
N GLY B 359 11.48 -5.50 -20.72
CA GLY B 359 12.73 -5.86 -21.33
C GLY B 359 13.78 -6.02 -20.25
N SER B 360 13.35 -6.39 -19.05
CA SER B 360 14.26 -6.57 -17.93
C SER B 360 14.54 -8.04 -17.66
N GLU B 361 15.50 -8.30 -16.77
CA GLU B 361 15.87 -9.66 -16.39
C GLU B 361 14.72 -10.27 -15.57
N GLN B 362 14.14 -9.45 -14.70
CA GLN B 362 13.04 -9.88 -13.86
C GLN B 362 11.82 -9.08 -14.26
N GLU B 363 10.88 -9.74 -14.91
CA GLU B 363 9.63 -9.08 -15.30
C GLU B 363 8.71 -9.01 -14.06
N ALA B 364 7.60 -8.28 -14.19
CA ALA B 364 6.64 -8.09 -13.09
C ALA B 364 6.12 -9.41 -12.49
N GLN B 365 6.14 -9.49 -11.17
CA GLN B 365 5.66 -10.65 -10.46
C GLN B 365 4.26 -10.32 -9.94
N GLU B 366 3.62 -11.27 -9.29
CA GLU B 366 2.27 -11.06 -8.78
C GLU B 366 2.23 -10.17 -7.57
N ALA B 367 1.36 -9.17 -7.59
CA ALA B 367 1.21 -8.32 -6.43
C ALA B 367 0.39 -9.13 -5.41
N VAL B 368 0.56 -8.85 -4.13
CA VAL B 368 -0.18 -9.60 -3.10
C VAL B 368 -0.67 -8.65 -2.02
N LEU B 369 -1.94 -8.79 -1.67
CA LEU B 369 -2.54 -8.01 -0.60
C LEU B 369 -2.77 -9.00 0.56
N SER B 370 -2.13 -8.74 1.70
CA SER B 370 -2.30 -9.60 2.87
C SER B 370 -3.03 -8.91 4.00
N ILE B 371 -3.94 -9.62 4.65
CA ILE B 371 -4.67 -9.08 5.77
C ILE B 371 -4.41 -10.03 6.94
N ILE B 372 -3.61 -9.57 7.90
CA ILE B 372 -3.28 -10.38 9.05
C ILE B 372 -4.32 -10.10 10.13
N ILE B 373 -4.97 -11.15 10.60
CA ILE B 373 -6.03 -11.02 11.59
C ILE B 373 -5.52 -11.34 13.00
N ASP B 374 -4.66 -12.34 13.12
CA ASP B 374 -4.07 -12.76 14.39
C ASP B 374 -2.64 -13.10 14.02
N PRO B 375 -1.67 -12.88 14.93
CA PRO B 375 -1.73 -12.34 16.30
C PRO B 375 -2.11 -10.88 16.39
N LYS B 376 -1.51 -10.03 15.56
CA LYS B 376 -1.82 -8.61 15.59
C LYS B 376 -2.22 -8.13 14.20
N GLY B 377 -3.18 -7.23 14.14
CA GLY B 377 -3.66 -6.71 12.89
C GLY B 377 -2.60 -6.00 12.06
N ALA B 378 -2.53 -6.36 10.79
CA ALA B 378 -1.57 -5.75 9.88
C ALA B 378 -2.10 -5.94 8.47
N ILE B 379 -1.78 -4.99 7.60
CA ILE B 379 -2.18 -5.03 6.19
C ILE B 379 -0.90 -4.77 5.38
N GLU B 380 -0.59 -5.67 4.46
CA GLU B 380 0.59 -5.53 3.63
C GLU B 380 0.21 -5.66 2.18
N LEU B 381 0.95 -4.92 1.35
CA LEU B 381 0.75 -4.92 -0.07
C LEU B 381 2.12 -5.03 -0.73
N LYS B 382 2.38 -6.20 -1.31
CA LYS B 382 3.62 -6.46 -2.03
C LYS B 382 3.35 -5.94 -3.46
N LEU B 383 4.15 -4.98 -3.92
CA LEU B 383 3.98 -4.38 -5.25
C LEU B 383 5.27 -4.46 -6.02
N ASN B 384 5.18 -4.30 -7.34
CA ASN B 384 6.35 -4.31 -8.21
C ASN B 384 6.85 -2.88 -8.34
N ALA B 385 8.16 -2.70 -8.27
CA ALA B 385 8.75 -1.38 -8.41
C ALA B 385 10.08 -1.62 -9.13
N LYS B 386 10.98 -0.63 -9.10
CA LYS B 386 12.27 -0.76 -9.76
C LYS B 386 13.34 -1.20 -8.76
N SER B 387 14.24 -2.07 -9.18
CA SER B 387 15.31 -2.50 -8.29
C SER B 387 16.42 -1.45 -8.32
N VAL B 388 17.32 -1.50 -7.34
CA VAL B 388 18.43 -0.57 -7.31
C VAL B 388 19.65 -1.19 -8.02
N GLU B 389 19.63 -1.17 -9.34
CA GLU B 389 20.72 -1.72 -10.14
C GLU B 389 21.05 -0.72 -11.24
N ASP B 390 22.16 -0.94 -11.94
CA ASP B 390 22.56 -0.03 -13.01
C ASP B 390 21.57 -0.08 -14.15
N ALA B 391 21.23 -1.29 -14.58
CA ALA B 391 20.26 -1.48 -15.67
C ALA B 391 18.85 -1.54 -15.06
N PHE B 392 17.86 -1.15 -15.85
CA PHE B 392 16.47 -1.14 -15.40
C PHE B 392 16.00 -2.56 -15.13
N ASN B 393 15.43 -2.79 -13.96
CA ASN B 393 14.94 -4.11 -13.60
C ASN B 393 13.86 -3.92 -12.55
N THR B 394 12.99 -4.93 -12.39
CA THR B 394 11.92 -4.83 -11.39
C THR B 394 12.19 -5.72 -10.19
N ARG B 395 11.49 -5.41 -9.10
CA ARG B 395 11.59 -6.19 -7.86
C ARG B 395 10.28 -5.93 -7.13
N THR B 396 9.98 -6.74 -6.12
CA THR B 396 8.78 -6.51 -5.34
C THR B 396 9.22 -5.84 -4.05
N ILE B 397 8.39 -4.94 -3.54
CA ILE B 397 8.66 -4.22 -2.31
C ILE B 397 7.36 -4.38 -1.54
N ASP B 398 7.43 -4.20 -0.23
CA ASP B 398 6.27 -4.36 0.63
C ASP B 398 5.85 -3.09 1.35
N LEU B 399 4.63 -2.61 1.11
CA LEU B 399 4.13 -1.47 1.83
C LEU B 399 3.36 -2.13 2.97
N GLY B 400 3.52 -1.64 4.19
CA GLY B 400 2.81 -2.23 5.29
C GLY B 400 2.22 -1.24 6.26
N TRP B 401 1.33 -1.74 7.10
CA TRP B 401 0.66 -0.96 8.13
C TRP B 401 0.36 -1.97 9.23
N THR B 402 0.38 -1.54 10.49
CA THR B 402 0.07 -2.44 11.61
C THR B 402 -0.72 -1.60 12.62
N VAL B 403 -1.58 -2.25 13.40
CA VAL B 403 -2.36 -1.53 14.42
C VAL B 403 -1.43 -0.85 15.42
N SER B 404 -1.77 0.38 15.78
CA SER B 404 -0.99 1.16 16.74
C SER B 404 -1.38 0.71 18.15
N ASP B 405 -0.64 1.19 19.14
CA ASP B 405 -0.94 0.84 20.53
C ASP B 405 -2.33 1.36 20.90
N GLU B 406 -2.67 2.55 20.42
CA GLU B 406 -3.97 3.13 20.69
C GLU B 406 -5.09 2.30 20.06
N ASP B 407 -4.87 1.78 18.85
CA ASP B 407 -5.87 0.97 18.19
C ASP B 407 -6.16 -0.29 18.96
N LYS B 408 -5.12 -1.06 19.27
CA LYS B 408 -5.34 -2.30 20.00
C LYS B 408 -5.87 -2.05 21.40
N LYS B 409 -5.66 -0.85 21.92
CA LYS B 409 -6.15 -0.55 23.25
C LYS B 409 -7.63 -0.14 23.23
N ASN B 410 -8.15 0.29 22.08
CA ASN B 410 -9.57 0.66 21.97
C ASN B 410 -10.39 -0.39 21.22
N THR B 411 -9.73 -1.43 20.75
CA THR B 411 -10.40 -2.49 20.01
C THR B 411 -11.25 -3.35 20.95
N PRO B 412 -12.54 -3.51 20.62
CA PRO B 412 -13.41 -4.32 21.46
C PRO B 412 -13.02 -5.80 21.33
N GLU B 413 -13.30 -6.58 22.35
CA GLU B 413 -13.04 -8.02 22.30
C GLU B 413 -14.18 -8.58 21.45
N PRO B 414 -13.94 -9.67 20.69
CA PRO B 414 -15.02 -10.23 19.86
C PRO B 414 -16.38 -10.37 20.56
N TYR B 415 -16.39 -10.95 21.77
CA TYR B 415 -17.63 -11.15 22.53
C TYR B 415 -18.36 -9.87 22.90
N GLU B 416 -17.62 -8.81 23.14
CA GLU B 416 -18.23 -7.54 23.48
C GLU B 416 -18.88 -7.00 22.21
N ARG B 417 -18.13 -7.10 21.11
CA ARG B 417 -18.63 -6.65 19.82
C ARG B 417 -19.95 -7.34 19.50
N MET B 418 -19.98 -8.65 19.69
CA MET B 418 -21.17 -9.44 19.40
C MET B 418 -22.35 -9.17 20.30
N ILE B 419 -22.09 -9.03 21.60
CA ILE B 419 -23.18 -8.76 22.54
C ILE B 419 -23.76 -7.38 22.23
N HIS B 420 -22.86 -6.42 22.01
CA HIS B 420 -23.27 -5.07 21.70
C HIS B 420 -24.13 -5.07 20.44
N ASP B 421 -23.64 -5.74 19.40
CA ASP B 421 -24.40 -5.82 18.16
C ASP B 421 -25.79 -6.38 18.38
N THR B 422 -25.91 -7.41 19.21
CA THR B 422 -27.21 -8.02 19.46
C THR B 422 -28.14 -7.06 20.15
N MET B 423 -27.59 -6.22 21.02
CA MET B 423 -28.41 -5.24 21.71
C MET B 423 -28.94 -4.29 20.65
N ASN B 424 -28.06 -3.88 19.74
CA ASN B 424 -28.44 -2.99 18.65
C ASN B 424 -29.34 -3.72 17.67
N GLY B 425 -29.45 -5.03 17.79
CA GLY B 425 -30.27 -5.78 16.86
C GLY B 425 -29.68 -5.75 15.46
N ASP B 426 -28.35 -5.69 15.36
CA ASP B 426 -27.68 -5.66 14.06
C ASP B 426 -27.10 -7.06 13.77
N GLY B 427 -27.55 -7.68 12.69
CA GLY B 427 -27.08 -9.02 12.36
C GLY B 427 -25.95 -9.14 11.34
N SER B 428 -25.38 -8.03 10.90
CA SER B 428 -24.31 -8.07 9.91
C SER B 428 -23.12 -8.98 10.23
N ASN B 429 -22.72 -9.09 11.50
CA ASN B 429 -21.59 -9.92 11.87
C ASN B 429 -21.94 -11.29 12.44
N PHE B 430 -23.11 -11.81 12.07
CA PHE B 430 -23.57 -13.13 12.55
C PHE B 430 -23.79 -14.04 11.36
N ALA B 431 -23.70 -15.34 11.59
CA ALA B 431 -23.90 -16.31 10.53
C ALA B 431 -25.40 -16.45 10.34
N ASP B 432 -25.83 -16.80 9.14
CA ASP B 432 -27.24 -16.98 8.89
C ASP B 432 -27.45 -18.46 8.54
N TRP B 433 -28.70 -18.91 8.58
CA TRP B 433 -29.01 -20.31 8.29
C TRP B 433 -28.43 -20.86 6.98
N ASN B 434 -28.62 -20.13 5.88
CA ASN B 434 -28.12 -20.57 4.58
C ASN B 434 -26.59 -20.83 4.57
N GLY B 435 -25.81 -19.91 5.15
CA GLY B 435 -24.37 -20.10 5.21
C GLY B 435 -24.03 -21.31 6.06
N VAL B 436 -24.67 -21.42 7.22
CA VAL B 436 -24.45 -22.56 8.13
C VAL B 436 -24.84 -23.90 7.45
N SER B 437 -25.94 -23.85 6.70
CA SER B 437 -26.45 -25.00 5.99
C SER B 437 -25.45 -25.48 4.95
N ILE B 438 -25.04 -24.57 4.07
CA ILE B 438 -24.08 -24.86 3.00
C ILE B 438 -22.76 -25.39 3.58
N ALA B 439 -22.22 -24.71 4.58
CA ALA B 439 -20.97 -25.13 5.21
C ALA B 439 -21.09 -26.61 5.62
N TRP B 440 -22.23 -26.97 6.23
CA TRP B 440 -22.46 -28.36 6.65
C TRP B 440 -22.47 -29.34 5.50
N LYS B 441 -23.24 -29.02 4.48
CA LYS B 441 -23.29 -29.91 3.33
C LYS B 441 -21.90 -30.04 2.73
N PHE B 442 -21.18 -28.93 2.68
CA PHE B 442 -19.86 -28.94 2.11
C PHE B 442 -18.93 -29.86 2.89
N VAL B 443 -18.95 -29.70 4.21
CA VAL B 443 -18.10 -30.50 5.07
C VAL B 443 -18.51 -31.97 5.11
N ASP B 444 -19.81 -32.23 5.23
CA ASP B 444 -20.31 -33.60 5.27
C ASP B 444 -19.88 -34.41 4.06
N ALA B 445 -19.76 -33.75 2.91
CA ALA B 445 -19.34 -34.43 1.69
C ALA B 445 -17.91 -34.92 1.87
N ILE B 446 -17.11 -34.15 2.62
CA ILE B 446 -15.72 -34.49 2.85
C ILE B 446 -15.60 -35.53 3.93
N SER B 447 -16.34 -35.33 5.02
CA SER B 447 -16.33 -36.30 6.13
C SER B 447 -16.71 -37.69 5.66
N ALA B 448 -17.70 -37.76 4.77
CA ALA B 448 -18.17 -39.05 4.27
C ALA B 448 -17.04 -39.88 3.69
N VAL B 449 -16.24 -39.29 2.80
CA VAL B 449 -15.17 -40.06 2.24
C VAL B 449 -14.09 -40.32 3.29
N TYR B 450 -13.95 -39.43 4.27
CA TYR B 450 -12.94 -39.66 5.31
C TYR B 450 -13.34 -40.78 6.26
N THR B 451 -14.59 -40.81 6.69
CA THR B 451 -15.00 -41.87 7.61
C THR B 451 -15.00 -43.21 6.90
N ALA B 452 -15.12 -43.19 5.59
CA ALA B 452 -15.11 -44.42 4.80
C ALA B 452 -13.67 -44.78 4.44
N ASP B 453 -12.73 -43.96 4.91
CA ASP B 453 -11.31 -44.15 4.65
C ASP B 453 -11.01 -44.27 3.15
N LYS B 454 -11.65 -43.41 2.37
CA LYS B 454 -11.47 -43.41 0.93
C LYS B 454 -10.57 -42.33 0.38
N ALA B 455 -9.74 -41.72 1.24
CA ALA B 455 -8.76 -40.67 0.88
C ALA B 455 -7.58 -40.94 1.76
N PRO B 456 -6.37 -40.59 1.31
CA PRO B 456 -5.15 -40.84 2.11
C PRO B 456 -5.11 -39.96 3.34
N LEU B 457 -4.36 -40.39 4.35
CA LEU B 457 -4.16 -39.64 5.58
C LEU B 457 -2.66 -39.32 5.56
N GLU B 458 -2.34 -38.06 5.33
CA GLU B 458 -0.96 -37.60 5.26
C GLU B 458 -0.34 -37.38 6.65
N THR B 459 0.99 -37.28 6.68
CA THR B 459 1.73 -37.00 7.92
C THR B 459 2.59 -35.73 7.67
N TYR B 460 2.91 -35.00 8.72
CA TYR B 460 3.78 -33.84 8.56
C TYR B 460 4.56 -33.62 9.83
N LYS B 461 5.75 -33.04 9.71
CA LYS B 461 6.61 -32.77 10.86
C LYS B 461 5.97 -31.66 11.68
N SER B 462 5.89 -31.82 13.00
CA SER B 462 5.33 -30.73 13.83
C SER B 462 6.29 -29.54 13.72
N GLY B 463 5.78 -28.34 13.47
CA GLY B 463 6.64 -27.18 13.34
C GLY B 463 6.78 -26.73 11.89
N SER B 464 6.32 -27.53 10.95
CA SER B 464 6.37 -27.17 9.54
C SER B 464 5.01 -26.53 9.22
N MET B 465 4.74 -26.28 7.94
CA MET B 465 3.45 -25.72 7.55
C MET B 465 2.51 -26.83 7.00
N GLY B 466 2.89 -28.10 7.14
CA GLY B 466 2.00 -29.17 6.68
C GLY B 466 2.66 -30.14 5.73
N PRO B 467 1.94 -31.16 5.26
CA PRO B 467 2.49 -32.16 4.32
C PRO B 467 2.72 -31.52 2.96
N GLU B 468 3.64 -32.06 2.17
CA GLU B 468 3.88 -31.45 0.87
C GLU B 468 2.72 -31.60 -0.10
N ALA B 469 1.77 -32.45 0.24
CA ALA B 469 0.57 -32.64 -0.58
C ALA B 469 -0.16 -31.30 -0.56
N SER B 470 0.04 -30.52 0.49
CA SER B 470 -0.58 -29.21 0.61
C SER B 470 0.02 -28.28 -0.46
N ASP B 471 1.34 -28.38 -0.69
CA ASP B 471 2.00 -27.56 -1.70
C ASP B 471 1.61 -28.07 -3.09
N LYS B 472 1.51 -29.39 -3.25
CA LYS B 472 1.13 -29.96 -4.54
C LYS B 472 -0.27 -29.49 -5.00
N LEU B 473 -1.19 -29.30 -4.05
CA LEU B 473 -2.54 -28.85 -4.35
C LEU B 473 -2.49 -27.55 -5.16
N LEU B 474 -1.75 -26.58 -4.64
CA LEU B 474 -1.60 -25.28 -5.29
C LEU B 474 -0.72 -25.33 -6.55
N ALA B 475 0.35 -26.12 -6.52
CA ALA B 475 1.26 -26.22 -7.67
C ALA B 475 0.55 -26.68 -8.94
N ALA B 476 -0.54 -27.43 -8.79
CA ALA B 476 -1.31 -27.94 -9.92
C ALA B 476 -1.89 -26.80 -10.73
N ASN B 477 -2.03 -25.64 -10.10
CA ASN B 477 -2.55 -24.46 -10.79
C ASN B 477 -1.48 -23.39 -10.93
N GLY B 478 -0.22 -23.74 -10.67
CA GLY B 478 0.85 -22.78 -10.76
C GLY B 478 0.76 -21.76 -9.66
N ASP B 479 0.29 -22.20 -8.49
CA ASP B 479 0.16 -21.31 -7.35
C ASP B 479 1.01 -21.84 -6.21
N ALA B 480 1.23 -21.02 -5.20
CA ALA B 480 2.03 -21.42 -4.05
C ALA B 480 1.61 -20.60 -2.86
N TRP B 481 1.73 -21.17 -1.66
CA TRP B 481 1.34 -20.46 -0.44
C TRP B 481 2.24 -19.24 -0.26
N VAL B 482 1.65 -18.08 0.00
CA VAL B 482 2.52 -16.92 0.19
C VAL B 482 3.11 -16.95 1.58
N PHE B 483 2.30 -17.27 2.60
CA PHE B 483 2.80 -17.34 3.96
C PHE B 483 3.67 -18.60 4.11
N LYS B 484 4.97 -18.38 4.31
CA LYS B 484 5.94 -19.46 4.41
C LYS B 484 6.18 -20.00 5.82
N GLY B 485 5.57 -19.36 6.81
CA GLY B 485 5.72 -19.82 8.17
C GLY B 485 6.38 -18.80 9.06
P PO4 C . 20.40 20.36 -14.35
O1 PO4 C . 20.41 20.63 -15.69
O2 PO4 C . 21.82 20.05 -14.04
O3 PO4 C . 20.12 21.45 -13.40
O4 PO4 C . 19.68 19.18 -13.95
P PO4 D . 19.07 18.59 -5.98
O1 PO4 D . 19.27 17.47 -6.90
O2 PO4 D . 20.40 19.37 -6.25
O3 PO4 D . 18.07 19.56 -6.36
O4 PO4 D . 19.15 18.31 -4.58
P PO4 E . -17.64 -20.17 18.31
O1 PO4 E . -16.88 -18.97 17.89
O2 PO4 E . -17.63 -20.14 19.79
O3 PO4 E . -18.96 -20.16 17.83
O4 PO4 E . -16.87 -21.40 17.93
#